data_1U0M
#
_entry.id   1U0M
#
_cell.length_a   76.679
_cell.length_b   69.685
_cell.length_c   81.135
_cell.angle_alpha   90.00
_cell.angle_beta   95.42
_cell.angle_gamma   90.00
#
_symmetry.space_group_name_H-M   'P 1 21 1'
#
loop_
_entity.id
_entity.type
_entity.pdbx_description
1 polymer 'putative polyketide synthase'
2 non-polymer 'POLYETHYLENE GLYCOL (N=34)'
3 non-polymer GLYCEROL
4 water water
#
_entity_poly.entity_id   1
_entity_poly.type   'polypeptide(L)'
_entity_poly.pdbx_seq_one_letter_code
;GSHGGSGFMATLCRPSVSVPEHVITMEETLELARRRHTDHPQLPLALRLIENTGVRTRHIVQPIEDTLEHPGFEDRNKVY
EREAKSRVPAVIQRALDDAELLATDIDVIIYVSCTGFMMPSLTAWLINEMGFDSTTRQIPIAQLGCAAGGAAINRAHDFC
TAYPEANALIVACEFCSLCYQPTDLGVGSLLCNGLFGDGIAAAVVRGRGGTGVRLERNGSYLIPKTEDWIMYDVKATGFH
FLLDKRVPATMEPLAPALKELAGEHGWDASDLDFYIVHAGGPRILDDLSTFLEVDPHAFRFSRATLTEYGNIASAVVLDA
LRRLFDEGGVEEGARGLLAGFGPGITAEMSLGCWQTADVRRGIRQDVTRTAARGVSRRVRQA
;
_entity_poly.pdbx_strand_id   A,B
#
# COMPACT_ATOMS: atom_id res chain seq x y z
N ALA A 10 10.33 -1.67 21.13
CA ALA A 10 9.83 -2.82 20.33
C ALA A 10 10.91 -3.77 19.85
N THR A 11 10.64 -5.06 19.99
CA THR A 11 11.57 -6.09 19.59
C THR A 11 10.97 -7.09 18.60
N LEU A 12 11.71 -7.34 17.53
CA LEU A 12 11.32 -8.25 16.47
C LEU A 12 11.45 -9.68 17.01
N CYS A 13 10.39 -10.46 16.87
CA CYS A 13 10.42 -11.83 17.37
C CYS A 13 10.85 -12.84 16.30
N ARG A 14 10.51 -14.11 16.52
CA ARG A 14 10.88 -15.17 15.60
C ARG A 14 9.96 -15.24 14.39
N PRO A 15 10.45 -14.77 13.24
CA PRO A 15 9.65 -14.80 12.02
C PRO A 15 9.35 -16.24 11.63
N SER A 16 8.11 -16.49 11.26
CA SER A 16 7.69 -17.82 10.86
C SER A 16 7.66 -17.82 9.32
N VAL A 17 8.19 -18.87 8.69
CA VAL A 17 8.21 -18.94 7.23
C VAL A 17 7.79 -20.30 6.69
N SER A 18 7.06 -20.29 5.59
CA SER A 18 6.57 -21.50 4.94
C SER A 18 6.56 -21.32 3.41
N VAL A 19 6.99 -22.35 2.66
CA VAL A 19 7.01 -22.26 1.19
C VAL A 19 6.20 -23.41 0.60
N PRO A 20 5.67 -23.24 -0.62
CA PRO A 20 4.86 -24.28 -1.28
C PRO A 20 5.60 -25.57 -1.56
N GLU A 21 4.86 -26.65 -1.74
CA GLU A 21 5.45 -27.97 -1.94
C GLU A 21 6.06 -28.32 -3.29
N HIS A 22 5.76 -27.54 -4.32
CA HIS A 22 6.31 -27.81 -5.64
C HIS A 22 7.73 -27.21 -5.73
N VAL A 23 8.71 -28.04 -6.04
CA VAL A 23 10.10 -27.59 -6.10
C VAL A 23 10.70 -27.63 -7.50
N ILE A 24 11.46 -26.59 -7.83
CA ILE A 24 12.14 -26.57 -9.11
C ILE A 24 13.63 -26.36 -8.82
N THR A 25 14.44 -27.30 -9.32
CA THR A 25 15.87 -27.27 -9.13
C THR A 25 16.58 -26.42 -10.19
N MET A 26 17.83 -26.12 -9.92
CA MET A 26 18.67 -25.35 -10.82
C MET A 26 18.72 -26.04 -12.18
N GLU A 27 19.00 -27.33 -12.14
CA GLU A 27 19.12 -28.15 -13.34
C GLU A 27 17.86 -28.06 -14.18
N GLU A 28 16.70 -28.23 -13.54
CA GLU A 28 15.42 -28.17 -14.24
C GLU A 28 15.22 -26.82 -14.91
N THR A 29 15.56 -25.76 -14.18
CA THR A 29 15.42 -24.40 -14.71
C THR A 29 16.20 -24.28 -16.01
N LEU A 30 17.43 -24.78 -16.00
CA LEU A 30 18.28 -24.72 -17.19
C LEU A 30 17.68 -25.48 -18.36
N GLU A 31 17.13 -26.67 -18.08
CA GLU A 31 16.51 -27.49 -19.13
C GLU A 31 15.38 -26.72 -19.81
N LEU A 32 14.42 -26.28 -18.99
CA LEU A 32 13.27 -25.54 -19.50
C LEU A 32 13.75 -24.34 -20.31
N ALA A 33 14.59 -23.51 -19.70
CA ALA A 33 15.11 -22.33 -20.38
C ALA A 33 15.73 -22.72 -21.72
N ARG A 34 16.42 -23.85 -21.75
CA ARG A 34 17.04 -24.29 -22.98
C ARG A 34 15.97 -24.71 -23.97
N ARG A 35 15.11 -25.64 -23.57
CA ARG A 35 14.06 -26.10 -24.45
C ARG A 35 13.13 -24.98 -24.88
N ARG A 36 12.83 -24.07 -23.98
CA ARG A 36 11.92 -22.98 -24.29
C ARG A 36 12.54 -21.76 -24.98
N HIS A 37 13.86 -21.76 -25.18
CA HIS A 37 14.48 -20.61 -25.85
C HIS A 37 15.66 -21.00 -26.71
N THR A 38 15.64 -22.23 -27.19
CA THR A 38 16.71 -22.74 -28.04
C THR A 38 17.21 -21.78 -29.12
N ASP A 39 16.33 -20.96 -29.67
CA ASP A 39 16.73 -20.02 -30.72
C ASP A 39 17.19 -18.68 -30.20
N HIS A 40 17.00 -18.42 -28.91
CA HIS A 40 17.40 -17.14 -28.34
C HIS A 40 18.89 -16.87 -28.54
N PRO A 41 19.23 -15.79 -29.26
CA PRO A 41 20.60 -15.35 -29.55
C PRO A 41 21.51 -15.14 -28.32
N GLN A 42 20.91 -14.84 -27.18
CA GLN A 42 21.70 -14.61 -25.98
C GLN A 42 21.51 -15.75 -24.98
N LEU A 43 21.03 -16.89 -25.49
CA LEU A 43 20.78 -18.06 -24.66
C LEU A 43 21.95 -18.51 -23.78
N PRO A 44 23.14 -18.75 -24.37
CA PRO A 44 24.26 -19.19 -23.54
C PRO A 44 24.54 -18.21 -22.40
N LEU A 45 24.43 -16.92 -22.69
CA LEU A 45 24.66 -15.90 -21.68
C LEU A 45 23.61 -16.02 -20.57
N ALA A 46 22.37 -16.25 -20.97
CA ALA A 46 21.26 -16.36 -20.04
C ALA A 46 21.48 -17.52 -19.07
N LEU A 47 21.75 -18.69 -19.63
CA LEU A 47 21.99 -19.89 -18.82
C LEU A 47 23.14 -19.74 -17.83
N ARG A 48 24.24 -19.13 -18.28
CA ARG A 48 25.42 -18.93 -17.43
C ARG A 48 25.08 -18.06 -16.23
N LEU A 49 24.42 -16.93 -16.52
CA LEU A 49 24.00 -15.98 -15.50
C LEU A 49 23.13 -16.67 -14.46
N ILE A 50 22.15 -17.42 -14.92
CA ILE A 50 21.27 -18.14 -14.02
C ILE A 50 22.07 -19.09 -13.15
N GLU A 51 22.87 -19.93 -13.79
CA GLU A 51 23.65 -20.88 -13.03
C GLU A 51 24.56 -20.26 -11.98
N ASN A 52 25.19 -19.15 -12.32
CA ASN A 52 26.10 -18.46 -11.39
C ASN A 52 25.38 -17.93 -10.17
N THR A 53 24.08 -17.78 -10.30
CA THR A 53 23.25 -17.28 -9.22
C THR A 53 23.34 -18.16 -7.96
N GLY A 54 23.66 -19.44 -8.14
CA GLY A 54 23.77 -20.35 -7.01
C GLY A 54 22.44 -20.75 -6.37
N VAL A 55 21.33 -20.43 -7.04
CA VAL A 55 20.01 -20.80 -6.53
C VAL A 55 19.76 -22.25 -6.93
N ARG A 56 19.90 -23.16 -5.98
CA ARG A 56 19.72 -24.58 -6.27
C ARG A 56 18.25 -25.02 -6.33
N THR A 57 17.40 -24.45 -5.47
CA THR A 57 15.99 -24.80 -5.47
C THR A 57 15.08 -23.62 -5.20
N ARG A 58 13.85 -23.72 -5.70
CA ARG A 58 12.85 -22.69 -5.50
C ARG A 58 11.52 -23.41 -5.32
N HIS A 59 10.56 -22.76 -4.68
CA HIS A 59 9.26 -23.38 -4.48
C HIS A 59 8.20 -22.53 -5.17
N ILE A 60 7.20 -23.21 -5.72
CA ILE A 60 6.10 -22.50 -6.39
C ILE A 60 4.77 -23.09 -5.90
N VAL A 61 3.72 -22.28 -5.91
CA VAL A 61 2.43 -22.74 -5.43
C VAL A 61 1.70 -23.72 -6.35
N GLN A 62 1.98 -23.68 -7.65
CA GLN A 62 1.34 -24.61 -8.59
C GLN A 62 2.38 -25.53 -9.23
N PRO A 63 1.94 -26.70 -9.75
CA PRO A 63 2.89 -27.61 -10.37
C PRO A 63 3.61 -26.83 -11.46
N ILE A 64 4.79 -27.27 -11.86
CA ILE A 64 5.55 -26.53 -12.88
C ILE A 64 4.81 -26.38 -14.21
N GLU A 65 4.09 -27.43 -14.64
CA GLU A 65 3.38 -27.36 -15.92
C GLU A 65 2.27 -26.31 -15.92
N ASP A 66 1.69 -26.03 -14.75
CA ASP A 66 0.63 -25.04 -14.65
C ASP A 66 1.21 -23.63 -14.53
N THR A 67 2.32 -23.49 -13.82
CA THR A 67 2.93 -22.17 -13.67
C THR A 67 3.55 -21.68 -14.96
N LEU A 68 3.89 -22.59 -15.86
CA LEU A 68 4.47 -22.23 -17.15
C LEU A 68 3.39 -21.71 -18.11
N GLU A 69 2.16 -22.11 -17.83
CA GLU A 69 1.02 -21.69 -18.65
C GLU A 69 0.51 -20.34 -18.15
N HIS A 70 -0.05 -19.55 -19.06
CA HIS A 70 -0.59 -18.27 -18.65
C HIS A 70 -2.07 -18.25 -19.03
N PRO A 71 -2.95 -18.55 -18.04
CA PRO A 71 -4.41 -18.59 -18.19
C PRO A 71 -5.05 -17.21 -18.15
N GLY A 72 -4.20 -16.18 -18.15
CA GLY A 72 -4.69 -14.82 -18.09
C GLY A 72 -4.51 -14.25 -16.69
N PHE A 73 -4.40 -12.93 -16.60
CA PHE A 73 -4.21 -12.22 -15.33
C PHE A 73 -5.38 -12.48 -14.36
N GLU A 74 -6.61 -12.53 -14.88
CA GLU A 74 -7.78 -12.77 -14.03
C GLU A 74 -7.66 -14.14 -13.35
N ASP A 75 -7.39 -15.19 -14.12
CA ASP A 75 -7.24 -16.52 -13.51
C ASP A 75 -6.00 -16.59 -12.60
N ARG A 76 -4.91 -15.98 -13.04
CA ARG A 76 -3.67 -15.95 -12.27
C ARG A 76 -3.99 -15.31 -10.92
N ASN A 77 -4.64 -14.14 -10.94
CA ASN A 77 -4.94 -13.46 -9.69
C ASN A 77 -5.91 -14.26 -8.82
N LYS A 78 -6.75 -15.08 -9.45
CA LYS A 78 -7.68 -15.93 -8.72
C LYS A 78 -6.82 -16.93 -7.96
N VAL A 79 -5.84 -17.51 -8.64
CA VAL A 79 -4.95 -18.46 -7.97
C VAL A 79 -4.26 -17.78 -6.78
N TYR A 80 -3.88 -16.52 -6.98
CA TYR A 80 -3.22 -15.75 -5.95
C TYR A 80 -4.03 -15.70 -4.66
N GLU A 81 -5.30 -15.29 -4.72
CA GLU A 81 -6.08 -15.22 -3.49
C GLU A 81 -6.42 -16.57 -2.88
N ARG A 82 -6.68 -17.58 -3.73
CA ARG A 82 -6.97 -18.91 -3.19
C ARG A 82 -5.79 -19.46 -2.40
N GLU A 83 -4.60 -19.35 -3.00
CA GLU A 83 -3.38 -19.87 -2.38
C GLU A 83 -3.00 -19.11 -1.12
N ALA A 84 -3.33 -17.84 -1.06
CA ALA A 84 -3.00 -17.03 0.09
C ALA A 84 -3.98 -17.31 1.25
N LYS A 85 -5.22 -17.58 0.90
CA LYS A 85 -6.20 -17.86 1.94
C LYS A 85 -5.94 -19.20 2.58
N SER A 86 -5.56 -20.19 1.79
CA SER A 86 -5.27 -21.51 2.32
C SER A 86 -3.87 -21.68 2.92
N ARG A 87 -2.99 -20.68 2.77
CA ARG A 87 -1.65 -20.81 3.30
C ARG A 87 -1.23 -19.79 4.37
N VAL A 88 -1.64 -18.53 4.20
CA VAL A 88 -1.25 -17.50 5.15
C VAL A 88 -1.57 -17.78 6.62
N PRO A 89 -2.81 -18.15 6.94
CA PRO A 89 -3.25 -18.44 8.31
C PRO A 89 -2.28 -19.22 9.20
N ALA A 90 -1.88 -20.41 8.75
CA ALA A 90 -0.95 -21.23 9.51
C ALA A 90 0.30 -20.47 9.91
N VAL A 91 0.91 -19.80 8.94
CA VAL A 91 2.13 -19.06 9.22
C VAL A 91 1.95 -17.97 10.24
N ILE A 92 0.87 -17.21 10.14
CA ILE A 92 0.60 -16.14 11.10
C ILE A 92 0.55 -16.76 12.49
N GLN A 93 -0.13 -17.89 12.60
CA GLN A 93 -0.26 -18.59 13.88
C GLN A 93 1.10 -18.78 14.55
N ARG A 94 1.93 -19.61 13.93
CA ARG A 94 3.26 -19.90 14.45
C ARG A 94 4.04 -18.65 14.81
N ALA A 95 3.66 -17.52 14.23
CA ALA A 95 4.34 -16.25 14.50
C ALA A 95 3.80 -15.64 15.78
N LEU A 96 2.55 -15.96 16.12
CA LEU A 96 1.93 -15.46 17.34
C LEU A 96 2.46 -16.30 18.49
N ASP A 97 2.42 -17.62 18.28
CA ASP A 97 2.90 -18.56 19.27
C ASP A 97 4.32 -18.22 19.72
N ASP A 98 5.18 -17.86 18.77
CA ASP A 98 6.56 -17.49 19.09
C ASP A 98 6.67 -16.19 19.88
N ALA A 99 5.96 -15.16 19.44
CA ALA A 99 6.01 -13.88 20.14
C ALA A 99 5.14 -13.97 21.39
N GLU A 100 4.38 -15.06 21.48
CA GLU A 100 3.50 -15.29 22.61
C GLU A 100 2.43 -14.22 22.71
N LEU A 101 1.46 -14.31 21.81
CA LEU A 101 0.32 -13.40 21.73
C LEU A 101 -0.80 -14.18 21.06
N LEU A 102 -2.00 -13.64 21.16
CA LEU A 102 -3.16 -14.22 20.53
C LEU A 102 -3.51 -13.23 19.42
N ALA A 103 -4.39 -13.65 18.51
CA ALA A 103 -4.78 -12.77 17.42
C ALA A 103 -5.12 -11.40 17.97
N THR A 104 -5.74 -11.39 19.15
CA THR A 104 -6.18 -10.16 19.79
C THR A 104 -5.16 -9.25 20.45
N ASP A 105 -3.88 -9.57 20.37
CA ASP A 105 -2.91 -8.69 20.99
C ASP A 105 -2.22 -7.78 19.98
N ILE A 106 -2.64 -7.91 18.73
CA ILE A 106 -2.08 -7.12 17.64
C ILE A 106 -2.95 -5.90 17.35
N ASP A 107 -2.33 -4.73 17.34
CA ASP A 107 -3.07 -3.49 17.09
C ASP A 107 -3.05 -3.10 15.61
N VAL A 108 -2.06 -3.60 14.87
CA VAL A 108 -1.93 -3.25 13.47
C VAL A 108 -1.36 -4.38 12.63
N ILE A 109 -2.00 -4.67 11.51
CA ILE A 109 -1.52 -5.69 10.59
C ILE A 109 -0.84 -4.97 9.44
N ILE A 110 0.31 -5.50 9.02
CA ILE A 110 1.05 -4.91 7.92
C ILE A 110 1.24 -6.00 6.89
N TYR A 111 0.40 -5.98 5.86
CA TYR A 111 0.43 -6.99 4.81
C TYR A 111 1.16 -6.50 3.56
N VAL A 112 2.27 -7.15 3.22
CA VAL A 112 3.01 -6.77 2.01
C VAL A 112 3.07 -7.86 0.94
N SER A 113 2.76 -7.46 -0.28
CA SER A 113 2.77 -8.36 -1.42
C SER A 113 2.71 -7.55 -2.71
N CYS A 114 3.54 -7.92 -3.68
CA CYS A 114 3.55 -7.23 -4.96
C CYS A 114 3.32 -8.22 -6.08
N THR A 115 2.99 -9.45 -5.72
CA THR A 115 2.80 -10.51 -6.70
C THR A 115 1.37 -10.76 -7.14
N GLY A 116 0.46 -9.93 -6.66
CA GLY A 116 -0.92 -10.08 -7.04
C GLY A 116 -1.63 -8.85 -6.53
N PHE A 117 -2.87 -8.67 -6.93
CA PHE A 117 -3.58 -7.51 -6.49
C PHE A 117 -5.02 -7.76 -6.11
N MET A 118 -5.37 -7.34 -4.91
CA MET A 118 -6.73 -7.49 -4.47
C MET A 118 -7.16 -6.33 -3.56
N MET A 119 -8.41 -5.92 -3.73
CA MET A 119 -8.97 -4.86 -2.90
C MET A 119 -10.36 -5.31 -2.47
N PRO A 120 -10.60 -5.42 -1.15
CA PRO A 120 -9.64 -5.12 -0.07
C PRO A 120 -8.48 -6.12 -0.09
N SER A 121 -7.41 -5.80 0.62
CA SER A 121 -6.28 -6.73 0.69
C SER A 121 -6.74 -7.85 1.61
N LEU A 122 -5.87 -8.84 1.81
CA LEU A 122 -6.19 -9.98 2.67
C LEU A 122 -6.46 -9.62 4.13
N THR A 123 -5.93 -8.49 4.59
CA THR A 123 -6.11 -8.07 5.97
C THR A 123 -7.56 -8.15 6.44
N ALA A 124 -8.50 -7.67 5.64
CA ALA A 124 -9.91 -7.71 6.01
C ALA A 124 -10.38 -9.14 6.26
N TRP A 125 -10.07 -10.02 5.31
CA TRP A 125 -10.47 -11.43 5.41
C TRP A 125 -9.75 -12.11 6.57
N LEU A 126 -8.55 -11.64 6.87
CA LEU A 126 -7.76 -12.19 7.99
C LEU A 126 -8.36 -11.81 9.34
N ILE A 127 -8.80 -10.57 9.48
CA ILE A 127 -9.40 -10.13 10.71
C ILE A 127 -10.67 -10.95 10.97
N ASN A 128 -11.46 -11.15 9.91
CA ASN A 128 -12.69 -11.92 9.98
C ASN A 128 -12.49 -13.37 10.39
N GLU A 129 -11.55 -14.04 9.74
CA GLU A 129 -11.31 -15.45 9.99
C GLU A 129 -10.38 -15.76 11.15
N MET A 130 -9.28 -15.02 11.26
CA MET A 130 -8.33 -15.26 12.34
C MET A 130 -8.85 -14.77 13.68
N GLY A 131 -10.04 -14.18 13.66
CA GLY A 131 -10.62 -13.68 14.90
C GLY A 131 -9.84 -12.52 15.49
N PHE A 132 -9.20 -11.72 14.63
CA PHE A 132 -8.44 -10.57 15.12
C PHE A 132 -9.37 -9.52 15.71
N ASP A 133 -8.76 -8.51 16.33
CA ASP A 133 -9.48 -7.40 16.93
C ASP A 133 -10.28 -6.68 15.84
N SER A 134 -11.58 -6.51 16.04
CA SER A 134 -12.41 -5.83 15.06
C SER A 134 -11.96 -4.37 14.90
N THR A 135 -10.89 -4.01 15.61
CA THR A 135 -10.34 -2.65 15.59
C THR A 135 -8.93 -2.60 15.04
N THR A 136 -8.38 -3.76 14.69
CA THR A 136 -7.02 -3.85 14.15
C THR A 136 -6.86 -2.97 12.91
N ARG A 137 -5.79 -2.18 12.88
CA ARG A 137 -5.56 -1.31 11.75
C ARG A 137 -4.92 -2.12 10.64
N GLN A 138 -5.32 -1.87 9.41
CA GLN A 138 -4.78 -2.58 8.26
C GLN A 138 -3.81 -1.65 7.53
N ILE A 139 -2.64 -2.15 7.19
CA ILE A 139 -1.67 -1.36 6.45
C ILE A 139 -1.12 -2.19 5.30
N PRO A 140 -1.87 -2.26 4.20
CA PRO A 140 -1.46 -3.03 3.02
C PRO A 140 -0.56 -2.21 2.09
N ILE A 141 0.60 -2.75 1.76
CA ILE A 141 1.51 -2.09 0.85
C ILE A 141 1.89 -3.04 -0.29
N ALA A 142 1.43 -2.72 -1.49
CA ALA A 142 1.72 -3.58 -2.63
C ALA A 142 2.76 -3.00 -3.59
N GLN A 143 3.17 -1.76 -3.36
CA GLN A 143 4.10 -1.11 -4.28
C GLN A 143 5.55 -0.92 -3.86
N LEU A 144 6.07 -1.77 -2.97
CA LEU A 144 7.46 -1.65 -2.54
C LEU A 144 8.32 -2.88 -2.82
N GLY A 145 7.77 -3.83 -3.56
CA GLY A 145 8.49 -5.04 -3.93
C GLY A 145 9.50 -5.69 -2.98
N CYS A 146 10.72 -5.90 -3.48
CA CYS A 146 11.77 -6.53 -2.69
C CYS A 146 12.15 -5.75 -1.42
N ALA A 147 11.73 -4.50 -1.36
CA ALA A 147 12.02 -3.63 -0.22
C ALA A 147 10.90 -3.64 0.82
N ALA A 148 9.75 -4.19 0.48
CA ALA A 148 8.60 -4.20 1.39
C ALA A 148 8.86 -4.90 2.72
N GLY A 149 9.75 -5.89 2.73
CA GLY A 149 10.05 -6.57 3.98
C GLY A 149 10.57 -5.58 5.00
N GLY A 150 11.68 -4.94 4.67
CA GLY A 150 12.27 -3.94 5.55
C GLY A 150 11.30 -2.81 5.85
N ALA A 151 10.54 -2.36 4.85
CA ALA A 151 9.58 -1.28 5.06
C ALA A 151 8.51 -1.68 6.09
N ALA A 152 8.11 -2.94 6.08
CA ALA A 152 7.09 -3.40 7.02
C ALA A 152 7.67 -3.28 8.42
N ILE A 153 8.90 -3.72 8.58
CA ILE A 153 9.60 -3.65 9.86
C ILE A 153 9.60 -2.20 10.32
N ASN A 154 10.20 -1.35 9.50
CA ASN A 154 10.28 0.08 9.83
C ASN A 154 8.92 0.67 10.19
N ARG A 155 7.84 0.06 9.71
CA ARG A 155 6.52 0.60 10.02
C ARG A 155 6.03 0.07 11.35
N ALA A 156 6.10 -1.25 11.53
CA ALA A 156 5.67 -1.86 12.77
C ALA A 156 6.42 -1.19 13.91
N HIS A 157 7.65 -0.78 13.60
CA HIS A 157 8.53 -0.11 14.54
C HIS A 157 7.96 1.27 14.85
N ASP A 158 7.93 2.15 13.83
CA ASP A 158 7.40 3.49 13.98
C ASP A 158 6.08 3.47 14.75
N PHE A 159 5.27 2.45 14.47
CA PHE A 159 3.98 2.32 15.13
C PHE A 159 4.17 2.12 16.62
N CYS A 160 4.97 1.12 16.98
CA CYS A 160 5.23 0.81 18.37
C CYS A 160 5.79 1.96 19.19
N THR A 161 6.73 2.70 18.60
CA THR A 161 7.29 3.83 19.32
C THR A 161 6.15 4.82 19.62
N ALA A 162 5.23 4.97 18.67
CA ALA A 162 4.10 5.88 18.85
C ALA A 162 3.05 5.34 19.81
N TYR A 163 3.05 4.03 20.03
CA TYR A 163 2.11 3.38 20.93
C TYR A 163 2.96 2.27 21.54
N PRO A 164 3.77 2.62 22.55
CA PRO A 164 4.70 1.73 23.29
C PRO A 164 4.20 0.35 23.67
N GLU A 165 2.93 0.21 24.02
CA GLU A 165 2.41 -1.09 24.40
C GLU A 165 1.74 -1.80 23.23
N ALA A 166 2.02 -1.33 22.01
CA ALA A 166 1.42 -1.90 20.80
C ALA A 166 2.20 -3.04 20.14
N ASN A 167 1.46 -4.05 19.68
CA ASN A 167 2.03 -5.20 19.00
C ASN A 167 1.58 -5.21 17.55
N ALA A 168 2.55 -5.27 16.63
CA ALA A 168 2.23 -5.28 15.20
C ALA A 168 2.49 -6.65 14.58
N LEU A 169 1.69 -6.99 13.58
CA LEU A 169 1.86 -8.26 12.88
C LEU A 169 2.28 -8.01 11.45
N ILE A 170 3.48 -8.48 11.11
CA ILE A 170 4.00 -8.31 9.76
C ILE A 170 3.78 -9.59 8.96
N VAL A 171 3.09 -9.48 7.84
CA VAL A 171 2.83 -10.63 6.98
C VAL A 171 3.33 -10.34 5.58
N ALA A 172 4.18 -11.22 5.07
CA ALA A 172 4.71 -11.10 3.73
C ALA A 172 4.22 -12.31 2.93
N CYS A 173 3.54 -12.05 1.81
CA CYS A 173 3.02 -13.12 0.98
C CYS A 173 3.49 -12.87 -0.45
N GLU A 174 4.34 -13.74 -0.97
CA GLU A 174 4.86 -13.55 -2.32
C GLU A 174 4.82 -14.80 -3.19
N PHE A 175 4.02 -14.74 -4.25
CA PHE A 175 3.87 -15.84 -5.20
C PHE A 175 4.43 -15.33 -6.53
N CYS A 176 5.75 -15.16 -6.59
CA CYS A 176 6.40 -14.59 -7.78
C CYS A 176 6.15 -15.40 -9.04
N SER A 177 5.92 -16.70 -8.88
CA SER A 177 5.66 -17.57 -10.01
C SER A 177 4.41 -17.13 -10.76
N LEU A 178 3.53 -16.42 -10.07
CA LEU A 178 2.29 -15.95 -10.70
C LEU A 178 2.49 -14.69 -11.53
N CYS A 179 3.75 -14.30 -11.68
CA CYS A 179 4.08 -13.14 -12.49
C CYS A 179 4.96 -13.58 -13.64
N TYR A 180 5.00 -14.88 -13.90
CA TYR A 180 5.79 -15.42 -15.00
C TYR A 180 5.11 -15.01 -16.31
N GLN A 181 5.86 -14.39 -17.22
CA GLN A 181 5.32 -13.93 -18.50
C GLN A 181 6.07 -14.53 -19.69
N PRO A 182 5.53 -15.62 -20.26
CA PRO A 182 6.13 -16.29 -21.42
C PRO A 182 6.58 -15.32 -22.50
N THR A 183 5.84 -14.22 -22.62
CA THR A 183 6.13 -13.18 -23.60
C THR A 183 7.42 -12.39 -23.39
N ASP A 184 7.86 -12.22 -22.15
CA ASP A 184 9.08 -11.49 -21.86
C ASP A 184 10.28 -12.34 -22.31
N LEU A 185 10.92 -11.93 -23.40
CA LEU A 185 12.05 -12.66 -23.98
C LEU A 185 13.43 -12.04 -23.81
N GLY A 186 13.54 -10.93 -23.10
CA GLY A 186 14.86 -10.33 -22.90
C GLY A 186 15.68 -11.15 -21.90
N VAL A 187 17.01 -11.11 -22.00
CA VAL A 187 17.86 -11.87 -21.08
C VAL A 187 17.59 -11.50 -19.63
N GLY A 188 17.21 -10.25 -19.38
CA GLY A 188 16.92 -9.85 -18.02
C GLY A 188 15.74 -10.70 -17.52
N SER A 189 14.71 -10.82 -18.35
CA SER A 189 13.53 -11.60 -17.98
C SER A 189 13.96 -13.03 -17.69
N LEU A 190 14.69 -13.63 -18.63
CA LEU A 190 15.19 -14.99 -18.49
C LEU A 190 15.91 -15.16 -17.15
N LEU A 191 16.72 -14.17 -16.78
CA LEU A 191 17.43 -14.22 -15.53
C LEU A 191 16.41 -14.36 -14.42
N CYS A 192 15.53 -13.37 -14.32
CA CYS A 192 14.48 -13.33 -13.31
C CYS A 192 13.70 -14.62 -13.21
N ASN A 193 13.45 -15.27 -14.34
CA ASN A 193 12.71 -16.52 -14.31
C ASN A 193 13.47 -17.65 -13.61
N GLY A 194 14.77 -17.49 -13.40
CA GLY A 194 15.53 -18.53 -12.72
C GLY A 194 15.85 -18.17 -11.29
N LEU A 195 15.45 -16.96 -10.90
CA LEU A 195 15.75 -16.40 -9.58
C LEU A 195 14.62 -16.28 -8.55
N PHE A 196 13.45 -15.79 -8.94
CA PHE A 196 12.35 -15.60 -8.00
C PHE A 196 11.57 -16.85 -7.66
N GLY A 197 11.11 -16.92 -6.41
CA GLY A 197 10.33 -18.06 -5.94
C GLY A 197 9.12 -17.61 -5.13
N ASP A 198 8.38 -18.57 -4.58
CA ASP A 198 7.21 -18.25 -3.77
C ASP A 198 7.47 -18.55 -2.29
N GLY A 199 7.04 -17.65 -1.41
CA GLY A 199 7.26 -17.83 0.02
C GLY A 199 6.36 -16.92 0.84
N ILE A 200 6.10 -17.32 2.08
CA ILE A 200 5.24 -16.55 2.98
C ILE A 200 5.92 -16.38 4.35
N ALA A 201 5.96 -15.14 4.82
CA ALA A 201 6.57 -14.86 6.13
C ALA A 201 5.65 -14.01 6.98
N ALA A 202 5.69 -14.26 8.29
CA ALA A 202 4.87 -13.55 9.27
C ALA A 202 5.69 -13.41 10.55
N ALA A 203 5.84 -12.18 11.03
CA ALA A 203 6.60 -11.94 12.24
C ALA A 203 5.93 -10.89 13.09
N VAL A 204 6.01 -11.07 14.40
CA VAL A 204 5.39 -10.13 15.31
C VAL A 204 6.45 -9.21 15.87
N VAL A 205 6.05 -7.98 16.16
CA VAL A 205 6.97 -7.01 16.74
C VAL A 205 6.29 -6.43 17.97
N ARG A 206 6.50 -7.08 19.10
CA ARG A 206 5.92 -6.64 20.35
C ARG A 206 6.84 -5.59 20.97
N GLY A 207 6.26 -4.43 21.27
CA GLY A 207 7.03 -3.36 21.88
C GLY A 207 7.10 -3.59 23.37
N ARG A 208 6.12 -4.32 23.86
CA ARG A 208 6.01 -4.65 25.29
C ARG A 208 7.34 -5.14 25.84
N GLY A 209 8.02 -5.97 25.06
CA GLY A 209 9.29 -6.52 25.49
C GLY A 209 9.41 -7.95 25.01
N GLY A 210 9.89 -8.11 23.78
CA GLY A 210 10.02 -9.45 23.25
C GLY A 210 11.42 -10.01 23.28
N THR A 211 11.62 -11.06 22.50
CA THR A 211 12.91 -11.72 22.40
C THR A 211 13.29 -11.86 20.94
N GLY A 212 14.34 -11.13 20.55
CA GLY A 212 14.82 -11.14 19.18
C GLY A 212 15.69 -9.93 18.94
N VAL A 213 15.51 -9.28 17.79
CA VAL A 213 16.31 -8.10 17.48
C VAL A 213 15.70 -6.90 18.21
N ARG A 214 16.54 -6.06 18.80
CA ARG A 214 16.05 -4.90 19.55
C ARG A 214 16.01 -3.61 18.76
N LEU A 215 14.81 -3.05 18.66
CA LEU A 215 14.58 -1.81 17.95
C LEU A 215 15.59 -0.73 18.33
N GLU A 216 16.03 0.05 17.36
CA GLU A 216 16.93 1.15 17.62
C GLU A 216 16.52 2.29 16.73
N ARG A 217 17.24 2.49 15.64
CA ARG A 217 16.94 3.56 14.72
C ARG A 217 16.79 2.99 13.31
N ASN A 218 15.74 3.40 12.60
CA ASN A 218 15.57 2.93 11.24
C ASN A 218 15.54 4.14 10.34
N GLY A 219 15.69 3.90 9.04
CA GLY A 219 15.69 5.01 8.10
C GLY A 219 15.60 4.57 6.66
N SER A 220 15.11 5.45 5.81
CA SER A 220 14.98 5.13 4.40
C SER A 220 16.01 5.89 3.58
N TYR A 221 16.14 5.51 2.31
CA TYR A 221 17.06 6.17 1.41
C TYR A 221 16.70 5.81 -0.01
N LEU A 222 16.49 6.84 -0.84
CA LEU A 222 16.13 6.64 -2.23
C LEU A 222 17.29 7.00 -3.15
N ILE A 223 17.78 6.04 -3.92
CA ILE A 223 18.87 6.29 -4.84
C ILE A 223 18.34 7.17 -5.97
N PRO A 224 18.82 8.42 -6.03
CA PRO A 224 18.40 9.36 -7.07
C PRO A 224 18.39 8.80 -8.48
N LYS A 225 17.39 9.21 -9.25
CA LYS A 225 17.20 8.78 -10.63
C LYS A 225 17.40 7.30 -10.92
N THR A 226 16.62 6.46 -10.26
CA THR A 226 16.67 5.02 -10.47
C THR A 226 15.24 4.48 -10.37
N GLU A 227 14.27 5.39 -10.51
CA GLU A 227 12.85 5.06 -10.41
C GLU A 227 12.43 3.88 -11.27
N ASP A 228 12.88 3.86 -12.53
CA ASP A 228 12.55 2.79 -13.45
C ASP A 228 13.53 1.63 -13.48
N TRP A 229 14.45 1.60 -12.51
CA TRP A 229 15.45 0.52 -12.49
C TRP A 229 14.95 -0.83 -11.99
N ILE A 230 13.99 -0.82 -11.07
CA ILE A 230 13.38 -2.06 -10.55
C ILE A 230 11.88 -1.73 -10.49
N MET A 231 11.17 -2.10 -11.55
CA MET A 231 9.77 -1.76 -11.67
C MET A 231 8.89 -2.78 -12.38
N TYR A 232 7.60 -2.46 -12.38
CA TYR A 232 6.61 -3.29 -13.05
C TYR A 232 6.07 -2.58 -14.29
N ASP A 233 5.92 -3.31 -15.38
CA ASP A 233 5.25 -2.77 -16.56
C ASP A 233 3.87 -3.44 -16.34
N VAL A 234 2.79 -2.65 -16.26
CA VAL A 234 1.46 -3.21 -16.01
C VAL A 234 0.64 -3.35 -17.29
N LYS A 235 0.43 -4.59 -17.71
CA LYS A 235 -0.28 -4.88 -18.94
C LYS A 235 -1.52 -5.74 -18.75
N ALA A 236 -2.21 -6.04 -19.86
CA ALA A 236 -3.38 -6.87 -19.81
C ALA A 236 -2.99 -8.27 -19.33
N THR A 237 -1.71 -8.62 -19.50
CA THR A 237 -1.21 -9.93 -19.07
C THR A 237 -0.78 -9.93 -17.62
N GLY A 238 -0.82 -8.76 -17.00
CA GLY A 238 -0.45 -8.68 -15.60
C GLY A 238 0.77 -7.85 -15.36
N PHE A 239 1.57 -8.26 -14.38
CA PHE A 239 2.76 -7.52 -14.02
C PHE A 239 4.01 -8.09 -14.66
N HIS A 240 4.69 -7.25 -15.43
CA HIS A 240 5.94 -7.62 -16.09
C HIS A 240 7.08 -6.93 -15.34
N PHE A 241 7.93 -7.73 -14.72
CA PHE A 241 9.03 -7.24 -13.93
C PHE A 241 10.23 -6.78 -14.78
N LEU A 242 10.69 -5.56 -14.51
CA LEU A 242 11.82 -4.98 -15.23
C LEU A 242 12.94 -4.66 -14.26
N LEU A 243 14.11 -5.23 -14.52
CA LEU A 243 15.28 -5.04 -13.68
C LEU A 243 16.44 -4.57 -14.56
N ASP A 244 16.83 -3.31 -14.39
CA ASP A 244 17.92 -2.72 -15.17
C ASP A 244 19.25 -3.41 -14.90
N LYS A 245 19.98 -3.66 -15.97
CA LYS A 245 21.30 -4.31 -15.94
C LYS A 245 22.22 -3.68 -14.90
N ARG A 246 22.04 -2.38 -14.68
CA ARG A 246 22.84 -1.59 -13.75
C ARG A 246 22.50 -1.69 -12.27
N VAL A 247 21.51 -2.49 -11.92
CA VAL A 247 21.11 -2.62 -10.53
C VAL A 247 22.23 -3.00 -9.56
N PRO A 248 23.02 -4.05 -9.87
CA PRO A 248 24.08 -4.42 -8.93
C PRO A 248 25.08 -3.28 -8.66
N ALA A 249 25.55 -2.63 -9.73
CA ALA A 249 26.49 -1.53 -9.60
C ALA A 249 26.00 -0.43 -8.64
N THR A 250 24.70 -0.37 -8.42
CA THR A 250 24.12 0.63 -7.53
C THR A 250 24.54 0.41 -6.08
N MET A 251 25.23 -0.70 -5.84
CA MET A 251 25.69 -1.03 -4.50
C MET A 251 26.69 0.02 -4.01
N GLU A 252 27.44 0.60 -4.94
CA GLU A 252 28.42 1.62 -4.60
C GLU A 252 27.74 2.83 -3.97
N PRO A 253 26.74 3.41 -4.66
CA PRO A 253 26.05 4.58 -4.11
C PRO A 253 25.23 4.31 -2.85
N LEU A 254 24.87 3.05 -2.63
CA LEU A 254 24.07 2.69 -1.47
C LEU A 254 24.87 2.46 -0.21
N ALA A 255 26.09 1.95 -0.37
CA ALA A 255 26.97 1.69 0.76
C ALA A 255 27.03 2.85 1.77
N PRO A 256 27.31 4.07 1.28
CA PRO A 256 27.38 5.26 2.14
C PRO A 256 26.09 5.50 2.92
N ALA A 257 24.95 5.29 2.26
CA ALA A 257 23.66 5.49 2.89
C ALA A 257 23.54 4.54 4.08
N LEU A 258 24.22 3.41 3.99
CA LEU A 258 24.20 2.43 5.06
C LEU A 258 25.08 2.91 6.20
N LYS A 259 26.20 3.54 5.85
CA LYS A 259 27.12 4.05 6.85
C LYS A 259 26.56 5.32 7.49
N GLU A 260 26.08 6.23 6.66
CA GLU A 260 25.50 7.48 7.15
C GLU A 260 24.56 7.24 8.32
N LEU A 261 23.58 6.37 8.11
CA LEU A 261 22.60 6.04 9.14
C LEU A 261 23.21 5.17 10.22
N ALA A 262 24.13 4.29 9.83
CA ALA A 262 24.78 3.42 10.78
C ALA A 262 25.51 4.28 11.80
N GLY A 263 25.90 5.48 11.37
CA GLY A 263 26.60 6.39 12.25
C GLY A 263 25.69 7.12 13.22
N GLU A 264 24.62 7.71 12.71
CA GLU A 264 23.66 8.44 13.53
C GLU A 264 23.01 7.60 14.61
N HIS A 265 23.66 6.51 14.98
CA HIS A 265 23.17 5.64 16.02
C HIS A 265 24.31 5.26 16.95
N GLY A 266 25.54 5.57 16.55
CA GLY A 266 26.70 5.24 17.35
C GLY A 266 27.33 3.92 16.95
N TRP A 267 26.50 2.88 16.76
CA TRP A 267 26.97 1.54 16.38
C TRP A 267 27.84 1.81 15.17
N ASP A 268 27.53 2.96 14.58
CA ASP A 268 28.18 3.58 13.43
C ASP A 268 28.93 2.77 12.39
N ALA A 269 30.01 2.15 12.81
CA ALA A 269 30.87 1.41 11.90
C ALA A 269 30.16 0.21 11.38
N SER A 270 30.60 -0.24 10.22
CA SER A 270 30.02 -1.42 9.62
C SER A 270 30.37 -2.56 10.58
N ASP A 271 31.52 -2.44 11.25
CA ASP A 271 32.05 -3.43 12.22
C ASP A 271 30.96 -3.81 13.22
N LEU A 272 30.05 -4.64 12.71
CA LEU A 272 28.90 -5.17 13.40
C LEU A 272 28.96 -6.71 13.50
N ASP A 273 28.02 -7.24 14.28
CA ASP A 273 27.90 -8.67 14.55
C ASP A 273 26.62 -9.22 13.90
N PHE A 274 25.78 -8.32 13.43
CA PHE A 274 24.51 -8.69 12.83
C PHE A 274 24.31 -8.14 11.42
N TYR A 275 24.00 -9.03 10.47
CA TYR A 275 23.77 -8.61 9.09
C TYR A 275 22.70 -9.44 8.39
N ILE A 276 21.50 -8.88 8.31
CA ILE A 276 20.37 -9.54 7.65
C ILE A 276 19.82 -8.59 6.58
N VAL A 277 20.47 -8.57 5.42
CA VAL A 277 20.07 -7.69 4.33
C VAL A 277 19.58 -8.48 3.13
N HIS A 278 18.57 -7.94 2.44
CA HIS A 278 18.03 -8.58 1.26
C HIS A 278 18.47 -7.93 -0.04
N ALA A 279 19.10 -8.74 -0.89
CA ALA A 279 19.57 -8.29 -2.19
C ALA A 279 19.27 -9.44 -3.14
N GLY A 280 18.77 -9.12 -4.32
CA GLY A 280 18.45 -10.15 -5.30
C GLY A 280 19.68 -10.83 -5.86
N GLY A 281 19.83 -12.12 -5.57
CA GLY A 281 20.97 -12.86 -6.07
C GLY A 281 22.25 -12.46 -5.38
N PRO A 282 23.17 -13.42 -5.16
CA PRO A 282 24.45 -13.15 -4.49
C PRO A 282 25.31 -12.11 -5.18
N ARG A 283 25.03 -11.85 -6.45
CA ARG A 283 25.80 -10.87 -7.18
C ARG A 283 25.68 -9.53 -6.47
N ILE A 284 24.45 -9.05 -6.36
CA ILE A 284 24.16 -7.78 -5.70
C ILE A 284 24.53 -7.83 -4.23
N LEU A 285 24.43 -9.02 -3.64
CA LEU A 285 24.77 -9.18 -2.23
C LEU A 285 26.27 -9.08 -1.99
N ASP A 286 27.05 -9.51 -2.98
CA ASP A 286 28.51 -9.48 -2.87
C ASP A 286 29.10 -8.10 -3.11
N ASP A 287 28.35 -7.25 -3.81
CA ASP A 287 28.80 -5.88 -4.06
C ASP A 287 28.62 -5.13 -2.74
N LEU A 288 27.76 -5.66 -1.89
CA LEU A 288 27.48 -5.06 -0.61
C LEU A 288 28.54 -5.51 0.40
N SER A 289 29.15 -6.66 0.15
CA SER A 289 30.18 -7.19 1.03
C SER A 289 31.55 -6.63 0.65
N THR A 290 31.56 -5.66 -0.25
CA THR A 290 32.80 -5.04 -0.70
C THR A 290 32.73 -3.52 -0.52
N PHE A 291 31.77 -2.89 -1.18
CA PHE A 291 31.59 -1.44 -1.10
C PHE A 291 31.40 -0.99 0.34
N LEU A 292 30.79 -1.85 1.16
CA LEU A 292 30.54 -1.54 2.56
C LEU A 292 31.78 -1.95 3.33
N GLU A 293 32.29 -3.15 3.04
CA GLU A 293 33.51 -3.65 3.66
C GLU A 293 33.31 -4.39 4.97
N VAL A 294 32.34 -5.31 4.96
CA VAL A 294 32.08 -6.13 6.11
C VAL A 294 32.91 -7.37 5.76
N ASP A 295 32.22 -8.41 5.35
CA ASP A 295 32.88 -9.65 4.98
C ASP A 295 31.83 -10.38 4.16
N PRO A 296 32.26 -11.19 3.18
CA PRO A 296 31.21 -11.88 2.40
C PRO A 296 30.27 -12.64 3.35
N HIS A 297 30.87 -13.58 4.09
CA HIS A 297 30.24 -14.46 5.07
C HIS A 297 29.21 -13.78 5.97
N ALA A 298 29.22 -12.45 6.00
CA ALA A 298 28.30 -11.71 6.84
C ALA A 298 26.85 -11.97 6.47
N PHE A 299 26.58 -11.97 5.17
CA PHE A 299 25.22 -12.20 4.67
C PHE A 299 25.04 -13.68 4.39
N ARG A 300 25.40 -14.50 5.38
CA ARG A 300 25.28 -15.94 5.27
C ARG A 300 23.83 -16.38 5.29
N PHE A 301 23.02 -15.68 6.09
CA PHE A 301 21.60 -15.99 6.23
C PHE A 301 20.79 -15.57 5.01
N SER A 302 21.11 -14.40 4.48
CA SER A 302 20.40 -13.91 3.30
C SER A 302 20.68 -14.87 2.16
N ARG A 303 21.97 -15.11 1.91
CA ARG A 303 22.39 -16.00 0.83
C ARG A 303 21.80 -17.39 1.00
N ALA A 304 21.51 -17.78 2.24
CA ALA A 304 20.93 -19.09 2.51
C ALA A 304 19.48 -19.17 2.01
N THR A 305 18.74 -18.07 2.17
CA THR A 305 17.34 -18.03 1.74
C THR A 305 17.30 -18.12 0.21
N LEU A 306 18.19 -17.37 -0.43
CA LEU A 306 18.23 -17.34 -1.89
C LEU A 306 18.66 -18.69 -2.48
N THR A 307 19.59 -19.35 -1.80
CA THR A 307 20.10 -20.65 -2.26
C THR A 307 19.05 -21.74 -2.20
N GLU A 308 18.22 -21.70 -1.16
CA GLU A 308 17.17 -22.70 -0.95
C GLU A 308 15.76 -22.30 -1.40
N TYR A 309 15.45 -21.01 -1.38
CA TYR A 309 14.12 -20.56 -1.75
C TYR A 309 14.12 -19.68 -3.00
N GLY A 310 15.25 -19.05 -3.26
CA GLY A 310 15.35 -18.16 -4.40
C GLY A 310 14.95 -16.80 -3.88
N ASN A 311 14.68 -15.86 -4.78
CA ASN A 311 14.28 -14.54 -4.33
C ASN A 311 12.78 -14.55 -4.08
N ILE A 312 12.40 -14.52 -2.82
CA ILE A 312 11.00 -14.52 -2.45
C ILE A 312 10.55 -13.12 -2.03
N ALA A 313 11.07 -12.13 -2.74
CA ALA A 313 10.76 -10.72 -2.51
C ALA A 313 10.78 -10.27 -1.05
N SER A 314 9.73 -9.54 -0.67
CA SER A 314 9.59 -8.99 0.67
C SER A 314 9.83 -9.99 1.80
N ALA A 315 9.64 -11.27 1.52
CA ALA A 315 9.82 -12.28 2.55
C ALA A 315 11.27 -12.69 2.83
N VAL A 316 12.21 -12.26 2.01
CA VAL A 316 13.61 -12.63 2.25
C VAL A 316 14.16 -12.21 3.61
N VAL A 317 14.10 -10.91 3.95
CA VAL A 317 14.61 -10.45 5.23
C VAL A 317 14.10 -11.33 6.36
N LEU A 318 12.79 -11.53 6.39
CA LEU A 318 12.14 -12.32 7.41
C LEU A 318 12.65 -13.74 7.51
N ASP A 319 12.90 -14.37 6.37
CA ASP A 319 13.40 -15.74 6.37
C ASP A 319 14.86 -15.79 6.78
N ALA A 320 15.61 -14.73 6.48
CA ALA A 320 17.02 -14.69 6.86
C ALA A 320 17.04 -14.68 8.37
N LEU A 321 16.22 -13.82 8.97
CA LEU A 321 16.12 -13.74 10.42
C LEU A 321 15.75 -15.12 10.94
N ARG A 322 14.69 -15.69 10.38
CA ARG A 322 14.24 -17.01 10.81
C ARG A 322 15.40 -17.99 10.85
N ARG A 323 16.36 -17.82 9.95
CA ARG A 323 17.53 -18.71 9.91
C ARG A 323 18.56 -18.31 10.95
N LEU A 324 18.52 -17.06 11.36
CA LEU A 324 19.44 -16.54 12.36
C LEU A 324 18.99 -17.00 13.74
N PHE A 325 17.72 -17.35 13.83
CA PHE A 325 17.14 -17.84 15.08
C PHE A 325 17.47 -19.31 15.25
N ASP A 326 17.29 -20.10 14.18
CA ASP A 326 17.56 -21.53 14.24
C ASP A 326 19.00 -21.84 14.62
N GLU A 327 19.94 -21.05 14.09
CA GLU A 327 21.33 -21.23 14.43
C GLU A 327 21.45 -20.51 15.76
N GLY A 328 20.51 -19.61 15.97
CA GLY A 328 20.46 -18.83 17.21
C GLY A 328 21.61 -18.99 18.18
N GLY A 329 22.63 -18.14 18.04
CA GLY A 329 23.73 -18.20 18.96
C GLY A 329 23.23 -17.50 20.21
N VAL A 330 22.91 -16.22 20.06
CA VAL A 330 22.41 -15.34 21.15
C VAL A 330 23.47 -14.30 21.57
N GLU A 331 24.45 -14.02 20.72
CA GLU A 331 25.53 -13.07 21.00
C GLU A 331 25.15 -11.88 21.91
N GLU A 332 23.90 -11.89 22.35
CA GLU A 332 23.28 -10.92 23.24
C GLU A 332 23.64 -9.46 23.16
N GLY A 333 22.93 -8.72 22.33
CA GLY A 333 23.23 -7.30 22.28
C GLY A 333 24.30 -7.02 21.26
N ALA A 334 24.42 -7.93 20.30
CA ALA A 334 25.36 -7.78 19.22
C ALA A 334 24.68 -6.70 18.41
N ARG A 335 25.44 -5.94 17.64
CA ARG A 335 24.85 -4.90 16.82
C ARG A 335 23.80 -5.53 15.90
N GLY A 336 23.35 -4.79 14.90
CA GLY A 336 22.34 -5.31 13.99
C GLY A 336 21.96 -4.37 12.87
N LEU A 337 21.86 -4.92 11.66
CA LEU A 337 21.49 -4.14 10.49
C LEU A 337 20.55 -4.92 9.58
N LEU A 338 19.27 -4.62 9.67
CA LEU A 338 18.24 -5.25 8.86
C LEU A 338 17.94 -4.26 7.74
N ALA A 339 18.05 -4.69 6.49
CA ALA A 339 17.78 -3.81 5.38
C ALA A 339 17.09 -4.52 4.22
N GLY A 340 16.29 -3.75 3.47
CA GLY A 340 15.58 -4.29 2.33
C GLY A 340 15.78 -3.35 1.15
N PHE A 341 15.94 -3.92 -0.05
CA PHE A 341 16.13 -3.09 -1.24
C PHE A 341 15.17 -3.50 -2.34
N GLY A 342 14.64 -2.51 -3.06
CA GLY A 342 13.70 -2.78 -4.14
C GLY A 342 13.30 -1.55 -4.93
N PRO A 343 12.07 -1.52 -5.48
CA PRO A 343 11.55 -0.39 -6.27
C PRO A 343 11.83 0.99 -5.67
N GLY A 344 12.40 1.88 -6.48
CA GLY A 344 12.71 3.23 -6.01
C GLY A 344 13.82 3.92 -6.78
N ILE A 345 15.05 3.44 -6.67
CA ILE A 345 15.40 2.28 -5.85
C ILE A 345 15.33 2.67 -4.38
N THR A 346 14.59 1.88 -3.60
CA THR A 346 14.42 2.15 -2.17
C THR A 346 15.20 1.19 -1.29
N ALA A 347 15.56 1.69 -0.11
CA ALA A 347 16.31 0.92 0.87
C ALA A 347 15.72 1.16 2.25
N GLU A 348 15.12 0.13 2.83
CA GLU A 348 14.56 0.26 4.16
C GLU A 348 15.57 -0.38 5.11
N MET A 349 16.35 0.48 5.76
CA MET A 349 17.39 0.05 6.70
C MET A 349 16.89 0.10 8.13
N SER A 350 17.41 -0.78 8.98
CA SER A 350 17.01 -0.84 10.37
C SER A 350 18.17 -1.31 11.27
N LEU A 351 18.52 -0.50 12.27
CA LEU A 351 19.59 -0.84 13.20
C LEU A 351 18.99 -1.31 14.52
N GLY A 352 19.53 -2.41 15.07
CA GLY A 352 19.01 -2.95 16.33
C GLY A 352 19.90 -3.97 17.01
N CYS A 353 19.80 -4.06 18.34
CA CYS A 353 20.58 -4.98 19.17
C CYS A 353 19.81 -6.25 19.46
N TRP A 354 20.49 -7.38 19.66
CA TRP A 354 19.75 -8.58 19.98
C TRP A 354 19.33 -8.53 21.44
N GLN A 355 18.09 -8.93 21.73
CA GLN A 355 17.58 -8.90 23.10
C GLN A 355 17.00 -10.25 23.51
N THR A 356 17.44 -10.75 24.66
CA THR A 356 16.96 -12.04 25.17
C THR A 356 15.99 -11.84 26.33
N ALA A 357 15.03 -12.75 26.44
CA ALA A 357 14.04 -12.70 27.51
C ALA A 357 13.06 -13.86 27.34
N ALA B 10 0.48 17.34 16.44
CA ALA B 10 0.30 17.44 14.96
C ALA B 10 -1.06 18.02 14.58
N THR B 11 -1.07 18.83 13.52
CA THR B 11 -2.30 19.48 13.07
C THR B 11 -2.45 19.38 11.54
N LEU B 12 -3.62 18.93 11.09
CA LEU B 12 -3.94 18.79 9.67
C LEU B 12 -4.12 20.18 9.07
N CYS B 13 -3.33 20.49 8.04
CA CYS B 13 -3.40 21.80 7.39
C CYS B 13 -4.29 21.83 6.15
N ARG B 14 -4.55 23.04 5.66
CA ARG B 14 -5.40 23.25 4.48
C ARG B 14 -5.04 22.37 3.31
N PRO B 15 -5.87 21.36 3.04
CA PRO B 15 -5.61 20.45 1.92
C PRO B 15 -5.91 21.14 0.60
N SER B 16 -4.98 21.05 -0.35
CA SER B 16 -5.17 21.65 -1.66
C SER B 16 -5.84 20.60 -2.55
N VAL B 17 -6.73 21.05 -3.43
CA VAL B 17 -7.42 20.13 -4.30
C VAL B 17 -7.53 20.66 -5.71
N SER B 18 -7.31 19.78 -6.67
CA SER B 18 -7.40 20.14 -8.07
C SER B 18 -8.09 19.01 -8.84
N VAL B 19 -9.04 19.37 -9.69
CA VAL B 19 -9.75 18.38 -10.47
C VAL B 19 -9.53 18.69 -11.95
N PRO B 20 -9.53 17.66 -12.81
CA PRO B 20 -9.31 17.89 -14.23
C PRO B 20 -10.35 18.80 -14.88
N GLU B 21 -9.99 19.36 -16.03
CA GLU B 21 -10.85 20.30 -16.74
C GLU B 21 -12.02 19.77 -17.55
N HIS B 22 -12.05 18.47 -17.80
CA HIS B 22 -13.13 17.88 -18.57
C HIS B 22 -14.33 17.61 -17.67
N VAL B 23 -15.38 18.42 -17.86
CA VAL B 23 -16.58 18.32 -17.06
C VAL B 23 -17.70 17.50 -17.70
N ILE B 24 -18.39 16.72 -16.88
CA ILE B 24 -19.52 15.94 -17.36
C ILE B 24 -20.66 16.12 -16.37
N THR B 25 -21.77 16.64 -16.89
CA THR B 25 -22.95 16.91 -16.08
C THR B 25 -23.88 15.71 -15.96
N MET B 26 -24.84 15.84 -15.07
CA MET B 26 -25.84 14.82 -14.83
C MET B 26 -26.57 14.56 -16.14
N GLU B 27 -27.02 15.65 -16.74
CA GLU B 27 -27.76 15.59 -17.98
C GLU B 27 -27.10 14.75 -19.05
N GLU B 28 -25.84 15.04 -19.35
CA GLU B 28 -25.13 14.28 -20.38
C GLU B 28 -24.86 12.83 -19.93
N THR B 29 -24.61 12.63 -18.64
CA THR B 29 -24.39 11.28 -18.13
C THR B 29 -25.65 10.48 -18.49
N LEU B 30 -26.81 11.02 -18.18
CA LEU B 30 -28.07 10.34 -18.48
C LEU B 30 -28.22 10.06 -19.96
N GLU B 31 -27.84 11.03 -20.78
CA GLU B 31 -27.92 10.91 -22.24
C GLU B 31 -27.04 9.78 -22.73
N LEU B 32 -25.81 9.73 -22.25
CA LEU B 32 -24.86 8.69 -22.65
C LEU B 32 -25.41 7.34 -22.23
N ALA B 33 -25.79 7.22 -20.97
CA ALA B 33 -26.32 5.96 -20.46
C ALA B 33 -27.50 5.49 -21.30
N ARG B 34 -28.36 6.42 -21.70
CA ARG B 34 -29.52 6.07 -22.49
C ARG B 34 -29.08 5.59 -23.88
N ARG B 35 -28.31 6.43 -24.54
CA ARG B 35 -27.81 6.13 -25.87
C ARG B 35 -27.05 4.79 -25.94
N ARG B 36 -26.28 4.49 -24.91
CA ARG B 36 -25.48 3.28 -24.88
C ARG B 36 -26.13 2.01 -24.35
N HIS B 37 -27.09 2.13 -23.45
CA HIS B 37 -27.75 0.95 -22.90
C HIS B 37 -29.22 0.95 -23.25
N THR B 38 -29.53 1.50 -24.42
CA THR B 38 -30.91 1.60 -24.85
C THR B 38 -31.75 0.35 -24.58
N ASP B 39 -31.16 -0.83 -24.71
CA ASP B 39 -31.90 -2.06 -24.51
C ASP B 39 -31.81 -2.68 -23.11
N HIS B 40 -31.03 -2.10 -22.21
CA HIS B 40 -30.92 -2.67 -20.88
C HIS B 40 -32.28 -2.74 -20.17
N PRO B 41 -32.67 -3.95 -19.74
CA PRO B 41 -33.93 -4.21 -19.04
C PRO B 41 -34.15 -3.35 -17.81
N GLN B 42 -33.07 -2.90 -17.19
CA GLN B 42 -33.23 -2.06 -16.01
C GLN B 42 -32.76 -0.64 -16.26
N LEU B 43 -32.82 -0.23 -17.52
CA LEU B 43 -32.43 1.12 -17.89
C LEU B 43 -33.22 2.15 -17.08
N PRO B 44 -34.55 1.96 -16.97
CA PRO B 44 -35.33 2.93 -16.19
C PRO B 44 -34.86 3.04 -14.75
N LEU B 45 -34.67 1.90 -14.09
CA LEU B 45 -34.22 1.88 -12.70
C LEU B 45 -32.89 2.62 -12.59
N ALA B 46 -31.98 2.26 -13.47
CA ALA B 46 -30.64 2.84 -13.54
C ALA B 46 -30.61 4.37 -13.64
N LEU B 47 -31.35 4.92 -14.60
CA LEU B 47 -31.40 6.37 -14.76
C LEU B 47 -31.96 7.09 -13.55
N ARG B 48 -33.05 6.58 -12.98
CA ARG B 48 -33.67 7.19 -11.79
C ARG B 48 -32.63 7.22 -10.67
N LEU B 49 -31.99 6.07 -10.45
CA LEU B 49 -30.97 5.95 -9.41
C LEU B 49 -29.85 7.00 -9.57
N ILE B 50 -29.32 7.10 -10.78
CA ILE B 50 -28.25 8.06 -11.03
C ILE B 50 -28.75 9.48 -10.73
N GLU B 51 -29.84 9.85 -11.38
CA GLU B 51 -30.39 11.17 -11.18
C GLU B 51 -30.68 11.48 -9.71
N ASN B 52 -30.89 10.45 -8.91
CA ASN B 52 -31.19 10.61 -7.48
C ASN B 52 -29.99 10.87 -6.58
N THR B 53 -28.78 10.59 -7.06
CA THR B 53 -27.59 10.81 -6.25
C THR B 53 -27.29 12.30 -6.05
N GLY B 54 -27.90 13.15 -6.85
CA GLY B 54 -27.67 14.58 -6.72
C GLY B 54 -26.32 15.08 -7.21
N VAL B 55 -25.54 14.20 -7.84
CA VAL B 55 -24.23 14.60 -8.38
C VAL B 55 -24.48 15.43 -9.65
N ARG B 56 -24.33 16.75 -9.51
CA ARG B 56 -24.57 17.66 -10.62
C ARG B 56 -23.52 17.58 -11.70
N THR B 57 -22.26 17.52 -11.27
CA THR B 57 -21.20 17.50 -12.23
C THR B 57 -20.03 16.63 -11.75
N ARG B 58 -19.20 16.21 -12.70
CA ARG B 58 -18.04 15.38 -12.40
C ARG B 58 -16.85 15.78 -13.27
N HIS B 59 -15.64 15.65 -12.75
CA HIS B 59 -14.46 16.00 -13.54
C HIS B 59 -13.62 14.78 -13.91
N ILE B 60 -13.31 14.65 -15.20
CA ILE B 60 -12.49 13.54 -15.68
C ILE B 60 -11.18 14.07 -16.29
N VAL B 61 -10.16 13.21 -16.37
CA VAL B 61 -8.85 13.61 -16.90
C VAL B 61 -8.75 13.56 -18.43
N GLN B 62 -9.54 12.71 -19.07
CA GLN B 62 -9.53 12.64 -20.53
C GLN B 62 -10.86 13.17 -21.04
N PRO B 63 -10.90 13.64 -22.31
CA PRO B 63 -12.18 14.14 -22.82
C PRO B 63 -13.15 12.97 -22.72
N ILE B 64 -14.46 13.24 -22.60
CA ILE B 64 -15.43 12.14 -22.50
C ILE B 64 -15.32 11.11 -23.64
N GLU B 65 -15.03 11.56 -24.85
CA GLU B 65 -14.92 10.64 -25.99
C GLU B 65 -13.79 9.63 -25.77
N ASP B 66 -12.71 10.06 -25.16
CA ASP B 66 -11.57 9.17 -24.95
C ASP B 66 -11.85 8.29 -23.73
N THR B 67 -12.47 8.88 -22.71
CA THR B 67 -12.81 8.18 -21.50
C THR B 67 -13.67 6.96 -21.78
N LEU B 68 -14.62 7.10 -22.70
CA LEU B 68 -15.55 6.02 -23.05
C LEU B 68 -14.96 4.82 -23.79
N GLU B 69 -13.86 5.02 -24.50
CA GLU B 69 -13.28 3.86 -25.18
C GLU B 69 -12.29 3.21 -24.22
N HIS B 70 -12.07 1.91 -24.42
CA HIS B 70 -11.15 1.17 -23.58
C HIS B 70 -9.99 0.70 -24.44
N PRO B 71 -8.88 1.44 -24.44
CA PRO B 71 -7.69 1.09 -25.23
C PRO B 71 -6.87 -0.01 -24.58
N GLY B 72 -7.41 -0.57 -23.51
CA GLY B 72 -6.72 -1.64 -22.79
C GLY B 72 -6.14 -1.15 -21.48
N PHE B 73 -5.94 -2.08 -20.56
CA PHE B 73 -5.38 -1.78 -19.24
C PHE B 73 -3.98 -1.16 -19.38
N GLU B 74 -3.12 -1.75 -20.21
CA GLU B 74 -1.77 -1.20 -20.40
C GLU B 74 -1.84 0.30 -20.72
N ASP B 75 -2.54 0.64 -21.81
CA ASP B 75 -2.69 2.05 -22.16
C ASP B 75 -3.39 2.86 -21.08
N ARG B 76 -4.49 2.35 -20.57
CA ARG B 76 -5.22 3.05 -19.52
C ARG B 76 -4.25 3.41 -18.39
N ASN B 77 -3.41 2.46 -18.00
CA ASN B 77 -2.47 2.68 -16.91
C ASN B 77 -1.36 3.67 -17.28
N LYS B 78 -1.00 3.71 -18.56
CA LYS B 78 -0.02 4.67 -19.04
C LYS B 78 -0.67 6.04 -18.83
N VAL B 79 -1.94 6.16 -19.18
CA VAL B 79 -2.66 7.43 -19.02
C VAL B 79 -2.68 7.83 -17.54
N TYR B 80 -2.78 6.85 -16.65
CA TYR B 80 -2.79 7.14 -15.21
C TYR B 80 -1.48 7.81 -14.81
N GLU B 81 -0.35 7.22 -15.23
CA GLU B 81 0.96 7.75 -14.90
C GLU B 81 1.24 9.15 -15.42
N ARG B 82 0.98 9.37 -16.71
CA ARG B 82 1.22 10.67 -17.30
C ARG B 82 0.38 11.73 -16.61
N GLU B 83 -0.90 11.42 -16.40
CA GLU B 83 -1.78 12.38 -15.77
C GLU B 83 -1.36 12.71 -14.36
N ALA B 84 -0.90 11.71 -13.62
CA ALA B 84 -0.48 11.93 -12.23
C ALA B 84 0.78 12.77 -12.17
N LYS B 85 1.68 12.55 -13.12
CA LYS B 85 2.92 13.29 -13.14
C LYS B 85 2.73 14.75 -13.50
N SER B 86 1.84 15.04 -14.44
CA SER B 86 1.61 16.44 -14.81
C SER B 86 0.59 17.18 -13.96
N ARG B 87 0.01 16.52 -12.97
CA ARG B 87 -1.00 17.20 -12.17
C ARG B 87 -0.75 17.15 -10.66
N VAL B 88 -0.10 16.09 -10.18
CA VAL B 88 0.15 15.96 -8.76
C VAL B 88 1.11 17.03 -8.23
N PRO B 89 2.29 17.17 -8.86
CA PRO B 89 3.26 18.17 -8.41
C PRO B 89 2.65 19.56 -8.12
N ALA B 90 1.94 20.10 -9.12
CA ALA B 90 1.31 21.41 -8.99
C ALA B 90 0.45 21.49 -7.73
N VAL B 91 -0.30 20.42 -7.48
CA VAL B 91 -1.19 20.36 -6.31
C VAL B 91 -0.42 20.20 -5.00
N ILE B 92 0.70 19.47 -5.03
CA ILE B 92 1.51 19.29 -3.82
C ILE B 92 2.14 20.63 -3.47
N GLN B 93 2.56 21.36 -4.50
CA GLN B 93 3.17 22.68 -4.30
C GLN B 93 2.30 23.54 -3.39
N ARG B 94 1.07 23.77 -3.82
CA ARG B 94 0.12 24.57 -3.07
C ARG B 94 -0.10 24.07 -1.65
N ALA B 95 -0.02 22.76 -1.46
CA ALA B 95 -0.20 22.19 -0.13
C ALA B 95 0.99 22.53 0.75
N LEU B 96 2.18 22.46 0.15
CA LEU B 96 3.40 22.77 0.88
C LEU B 96 3.36 24.25 1.24
N ASP B 97 2.90 25.07 0.31
CA ASP B 97 2.82 26.51 0.51
C ASP B 97 1.83 26.93 1.59
N ASP B 98 0.64 26.33 1.61
CA ASP B 98 -0.34 26.69 2.61
C ASP B 98 0.15 26.36 4.03
N ALA B 99 0.72 25.16 4.19
CA ALA B 99 1.23 24.73 5.49
C ALA B 99 2.48 25.57 5.76
N GLU B 100 2.94 26.22 4.70
CA GLU B 100 4.11 27.09 4.72
C GLU B 100 5.41 26.33 4.93
N LEU B 101 5.92 25.73 3.85
CA LEU B 101 7.17 24.97 3.90
C LEU B 101 7.70 24.59 2.50
N LEU B 102 8.89 23.98 2.47
CA LEU B 102 9.52 23.54 1.22
C LEU B 102 9.57 22.01 1.30
N ALA B 103 9.68 21.32 0.17
CA ALA B 103 9.73 19.86 0.19
C ALA B 103 10.65 19.22 1.25
N THR B 104 11.57 19.98 1.83
CA THR B 104 12.51 19.39 2.80
C THR B 104 12.13 19.31 4.27
N ASP B 105 10.98 19.81 4.67
CA ASP B 105 10.59 19.66 6.07
C ASP B 105 9.73 18.41 6.15
N ILE B 106 9.49 17.81 4.99
CA ILE B 106 8.68 16.61 4.89
C ILE B 106 9.49 15.37 5.22
N ASP B 107 9.05 14.63 6.24
CA ASP B 107 9.74 13.44 6.69
C ASP B 107 9.17 12.15 6.13
N VAL B 108 8.02 12.26 5.46
CA VAL B 108 7.38 11.09 4.90
C VAL B 108 6.28 11.46 3.91
N ILE B 109 6.03 10.56 2.97
CA ILE B 109 4.98 10.76 1.99
C ILE B 109 4.07 9.55 2.03
N ILE B 110 2.81 9.79 2.32
CA ILE B 110 1.81 8.74 2.38
C ILE B 110 0.97 8.92 1.14
N TYR B 111 1.17 8.05 0.15
CA TYR B 111 0.48 8.12 -1.15
C TYR B 111 -0.66 7.12 -1.32
N VAL B 112 -1.89 7.62 -1.43
CA VAL B 112 -3.06 6.75 -1.62
C VAL B 112 -3.73 6.93 -2.98
N SER B 113 -4.04 5.80 -3.62
CA SER B 113 -4.68 5.74 -4.93
C SER B 113 -5.07 4.30 -5.24
N CYS B 114 -6.29 4.09 -5.73
CA CYS B 114 -6.74 2.74 -6.04
C CYS B 114 -7.22 2.64 -7.48
N THR B 115 -7.03 3.69 -8.25
CA THR B 115 -7.50 3.68 -9.62
C THR B 115 -6.41 3.50 -10.67
N GLY B 116 -5.32 2.88 -10.27
CA GLY B 116 -4.24 2.64 -11.20
C GLY B 116 -3.16 1.94 -10.41
N PHE B 117 -2.23 1.30 -11.10
CA PHE B 117 -1.20 0.61 -10.37
C PHE B 117 0.20 0.78 -10.94
N MET B 118 1.13 1.15 -10.08
CA MET B 118 2.51 1.28 -10.51
C MET B 118 3.48 0.91 -9.39
N MET B 119 4.61 0.35 -9.78
CA MET B 119 5.65 -0.01 -8.82
C MET B 119 6.99 0.29 -9.45
N PRO B 120 7.77 1.18 -8.82
CA PRO B 120 7.42 1.86 -7.57
C PRO B 120 6.24 2.81 -7.78
N SER B 121 5.63 3.24 -6.67
CA SER B 121 4.50 4.19 -6.77
C SER B 121 5.12 5.53 -7.12
N LEU B 122 4.28 6.54 -7.33
CA LEU B 122 4.73 7.87 -7.71
C LEU B 122 5.60 8.60 -6.65
N THR B 123 5.58 8.15 -5.40
CA THR B 123 6.38 8.80 -4.36
C THR B 123 7.86 8.84 -4.71
N ALA B 124 8.35 7.77 -5.32
CA ALA B 124 9.75 7.71 -5.72
C ALA B 124 10.04 8.84 -6.72
N TRP B 125 9.21 8.93 -7.75
CA TRP B 125 9.35 9.96 -8.79
C TRP B 125 9.21 11.35 -8.18
N LEU B 126 8.29 11.50 -7.23
CA LEU B 126 8.10 12.77 -6.55
C LEU B 126 9.42 13.15 -5.88
N ILE B 127 9.84 12.33 -4.91
CA ILE B 127 11.08 12.55 -4.17
C ILE B 127 12.17 13.20 -5.02
N ASN B 128 12.29 12.77 -6.28
CA ASN B 128 13.29 13.28 -7.20
C ASN B 128 12.95 14.64 -7.80
N GLU B 129 11.99 14.64 -8.74
CA GLU B 129 11.58 15.87 -9.41
C GLU B 129 11.13 16.94 -8.42
N MET B 130 10.40 16.53 -7.40
CA MET B 130 9.90 17.48 -6.40
C MET B 130 11.06 18.03 -5.57
N GLY B 131 12.26 17.52 -5.81
CA GLY B 131 13.42 17.98 -5.07
C GLY B 131 13.35 17.59 -3.60
N PHE B 132 12.52 16.61 -3.31
CA PHE B 132 12.36 16.12 -1.95
C PHE B 132 13.67 15.59 -1.39
N ASP B 133 13.67 15.43 -0.06
CA ASP B 133 14.80 14.95 0.72
C ASP B 133 15.08 13.46 0.50
N SER B 134 16.28 13.17 0.02
CA SER B 134 16.71 11.80 -0.28
C SER B 134 16.39 10.74 0.78
N THR B 135 16.01 11.16 1.98
CA THR B 135 15.70 10.20 3.02
C THR B 135 14.23 10.16 3.39
N THR B 136 13.41 10.83 2.60
CA THR B 136 11.97 10.88 2.86
C THR B 136 11.34 9.49 2.78
N ARG B 137 10.67 9.09 3.86
CA ARG B 137 9.98 7.81 3.94
C ARG B 137 8.81 7.82 2.95
N GLN B 138 8.47 6.66 2.40
CA GLN B 138 7.36 6.58 1.46
C GLN B 138 6.39 5.44 1.77
N ILE B 139 5.15 5.80 2.12
CA ILE B 139 4.13 4.82 2.43
C ILE B 139 3.00 4.84 1.40
N PRO B 140 3.09 3.98 0.37
CA PRO B 140 2.04 3.95 -0.66
C PRO B 140 0.99 2.88 -0.38
N ILE B 141 -0.28 3.27 -0.39
CA ILE B 141 -1.35 2.31 -0.14
C ILE B 141 -2.39 2.36 -1.26
N ALA B 142 -2.59 1.23 -1.94
CA ALA B 142 -3.51 1.17 -3.05
C ALA B 142 -4.74 0.30 -2.84
N GLN B 143 -4.77 -0.44 -1.74
CA GLN B 143 -5.87 -1.38 -1.47
C GLN B 143 -6.91 -0.98 -0.42
N LEU B 144 -7.05 0.32 -0.14
CA LEU B 144 -8.02 0.80 0.84
C LEU B 144 -9.19 1.58 0.27
N GLY B 145 -9.18 1.85 -1.04
CA GLY B 145 -10.28 2.56 -1.70
C GLY B 145 -10.76 3.89 -1.14
N CYS B 146 -12.08 4.04 -1.05
CA CYS B 146 -12.67 5.28 -0.54
C CYS B 146 -12.25 5.55 0.91
N ALA B 147 -11.76 4.52 1.58
CA ALA B 147 -11.32 4.65 2.97
C ALA B 147 -9.85 5.05 3.07
N ALA B 148 -9.15 5.15 1.95
CA ALA B 148 -7.74 5.49 2.00
C ALA B 148 -7.47 6.92 2.46
N GLY B 149 -8.39 7.84 2.15
CA GLY B 149 -8.20 9.21 2.56
C GLY B 149 -8.04 9.30 4.07
N GLY B 150 -8.94 8.64 4.78
CA GLY B 150 -8.89 8.63 6.23
C GLY B 150 -7.68 7.87 6.75
N ALA B 151 -7.40 6.72 6.15
CA ALA B 151 -6.26 5.92 6.59
C ALA B 151 -4.96 6.71 6.48
N ALA B 152 -4.88 7.55 5.46
CA ALA B 152 -3.69 8.34 5.26
C ALA B 152 -3.55 9.34 6.41
N ILE B 153 -4.66 9.97 6.77
CA ILE B 153 -4.64 10.94 7.87
C ILE B 153 -4.20 10.25 9.15
N ASN B 154 -4.75 9.08 9.43
CA ASN B 154 -4.37 8.34 10.63
C ASN B 154 -2.89 7.94 10.61
N ARG B 155 -2.40 7.54 9.45
CA ARG B 155 -1.01 7.14 9.35
C ARG B 155 -0.06 8.31 9.51
N ALA B 156 -0.47 9.48 9.04
CA ALA B 156 0.37 10.67 9.17
C ALA B 156 0.40 10.99 10.66
N HIS B 157 -0.74 10.78 11.30
CA HIS B 157 -0.93 11.02 12.72
C HIS B 157 0.11 10.18 13.47
N ASP B 158 -0.13 8.87 13.50
CA ASP B 158 0.74 7.91 14.18
C ASP B 158 2.22 8.25 14.01
N PHE B 159 2.58 8.70 12.82
CA PHE B 159 3.97 9.04 12.54
C PHE B 159 4.41 10.25 13.33
N CYS B 160 3.59 11.30 13.34
CA CYS B 160 3.91 12.52 14.08
C CYS B 160 3.97 12.26 15.57
N THR B 161 3.36 11.17 16.00
CA THR B 161 3.38 10.80 17.41
C THR B 161 4.79 10.25 17.64
N ALA B 162 5.16 9.23 16.87
CA ALA B 162 6.49 8.62 16.99
C ALA B 162 7.56 9.69 16.86
N TYR B 163 7.38 10.61 15.92
CA TYR B 163 8.33 11.69 15.72
C TYR B 163 7.60 13.03 15.74
N PRO B 164 7.55 13.68 16.92
CA PRO B 164 6.87 14.97 17.12
C PRO B 164 7.31 16.08 16.16
N GLU B 165 8.57 16.07 15.77
CA GLU B 165 9.09 17.09 14.85
C GLU B 165 8.83 16.72 13.41
N ALA B 166 8.02 15.70 13.20
CA ALA B 166 7.73 15.21 11.86
C ALA B 166 6.62 15.92 11.12
N ASN B 167 6.83 16.10 9.81
CA ASN B 167 5.87 16.72 8.93
C ASN B 167 5.53 15.67 7.87
N ALA B 168 4.30 15.17 7.89
CA ALA B 168 3.87 14.15 6.94
C ALA B 168 3.08 14.75 5.78
N LEU B 169 3.30 14.24 4.58
CA LEU B 169 2.58 14.71 3.40
C LEU B 169 1.62 13.63 2.92
N ILE B 170 0.33 13.95 2.91
CA ILE B 170 -0.71 13.03 2.46
C ILE B 170 -1.17 13.40 1.05
N VAL B 171 -0.98 12.49 0.10
CA VAL B 171 -1.40 12.74 -1.28
C VAL B 171 -2.42 11.70 -1.69
N ALA B 172 -3.54 12.16 -2.23
CA ALA B 172 -4.60 11.28 -2.68
C ALA B 172 -4.85 11.59 -4.15
N CYS B 173 -4.46 10.67 -5.02
CA CYS B 173 -4.65 10.84 -6.46
C CYS B 173 -5.65 9.81 -6.97
N GLU B 174 -6.75 10.26 -7.54
CA GLU B 174 -7.75 9.32 -8.01
C GLU B 174 -8.36 9.67 -9.35
N PHE B 175 -8.18 8.78 -10.31
CA PHE B 175 -8.72 8.98 -11.64
C PHE B 175 -9.66 7.81 -11.89
N CYS B 176 -10.82 7.84 -11.22
CA CYS B 176 -11.79 6.74 -11.32
C CYS B 176 -12.27 6.51 -12.75
N SER B 177 -12.20 7.52 -13.60
CA SER B 177 -12.64 7.37 -14.96
C SER B 177 -11.76 6.37 -15.72
N LEU B 178 -10.55 6.15 -15.22
CA LEU B 178 -9.60 5.22 -15.83
C LEU B 178 -10.01 3.78 -15.52
N CYS B 179 -11.01 3.64 -14.66
CA CYS B 179 -11.50 2.33 -14.31
C CYS B 179 -12.87 2.12 -14.93
N TYR B 180 -13.21 2.87 -15.98
CA TYR B 180 -14.51 2.68 -16.65
C TYR B 180 -14.40 1.40 -17.47
N GLN B 181 -15.38 0.50 -17.32
CA GLN B 181 -15.41 -0.78 -18.01
C GLN B 181 -16.69 -0.94 -18.81
N PRO B 182 -16.64 -0.62 -20.12
CA PRO B 182 -17.80 -0.71 -21.01
C PRO B 182 -18.54 -2.04 -20.97
N THR B 183 -17.83 -3.09 -20.59
CA THR B 183 -18.39 -4.44 -20.54
C THR B 183 -19.20 -4.78 -19.29
N ASP B 184 -19.10 -3.96 -18.25
CA ASP B 184 -19.86 -4.18 -17.04
C ASP B 184 -21.26 -3.60 -17.28
N LEU B 185 -22.25 -4.48 -17.36
CA LEU B 185 -23.63 -4.10 -17.65
C LEU B 185 -24.60 -4.11 -16.48
N GLY B 186 -24.20 -4.69 -15.36
CA GLY B 186 -25.08 -4.73 -14.20
C GLY B 186 -25.51 -3.34 -13.76
N VAL B 187 -26.68 -3.24 -13.12
CA VAL B 187 -27.21 -1.97 -12.66
C VAL B 187 -26.26 -1.28 -11.68
N GLY B 188 -25.60 -2.06 -10.84
CA GLY B 188 -24.66 -1.46 -9.90
C GLY B 188 -23.57 -0.73 -10.69
N SER B 189 -23.10 -1.38 -11.76
CA SER B 189 -22.07 -0.78 -12.60
C SER B 189 -22.61 0.49 -13.25
N LEU B 190 -23.84 0.43 -13.75
CA LEU B 190 -24.47 1.60 -14.38
C LEU B 190 -24.53 2.76 -13.39
N LEU B 191 -24.80 2.45 -12.13
CA LEU B 191 -24.85 3.48 -11.11
C LEU B 191 -23.48 4.11 -10.88
N CYS B 192 -22.47 3.27 -10.67
CA CYS B 192 -21.11 3.75 -10.42
C CYS B 192 -20.63 4.63 -11.55
N ASN B 193 -20.96 4.28 -12.79
CA ASN B 193 -20.57 5.08 -13.94
C ASN B 193 -21.13 6.52 -13.88
N GLY B 194 -22.07 6.76 -12.98
CA GLY B 194 -22.65 8.09 -12.86
C GLY B 194 -22.27 8.79 -11.57
N LEU B 195 -21.53 8.08 -10.72
CA LEU B 195 -21.15 8.60 -9.41
C LEU B 195 -19.69 9.03 -9.22
N PHE B 196 -18.76 8.21 -9.72
CA PHE B 196 -17.34 8.48 -9.54
C PHE B 196 -16.73 9.50 -10.49
N GLY B 197 -15.80 10.30 -9.95
CA GLY B 197 -15.13 11.33 -10.73
C GLY B 197 -13.62 11.26 -10.50
N ASP B 198 -12.86 12.21 -11.04
CA ASP B 198 -11.42 12.23 -10.85
C ASP B 198 -11.06 13.46 -10.02
N GLY B 199 -10.05 13.33 -9.17
CA GLY B 199 -9.63 14.44 -8.32
C GLY B 199 -8.35 14.14 -7.55
N ILE B 200 -7.57 15.17 -7.28
CA ILE B 200 -6.32 15.02 -6.56
C ILE B 200 -6.31 15.90 -5.30
N ALA B 201 -5.95 15.30 -4.18
CA ALA B 201 -5.89 16.04 -2.93
C ALA B 201 -4.50 15.92 -2.33
N ALA B 202 -4.12 16.91 -1.50
CA ALA B 202 -2.83 16.89 -0.84
C ALA B 202 -2.95 17.76 0.40
N ALA B 203 -2.32 17.30 1.48
CA ALA B 203 -2.37 18.05 2.73
C ALA B 203 -1.16 17.67 3.56
N VAL B 204 -0.66 18.65 4.33
CA VAL B 204 0.49 18.42 5.19
C VAL B 204 0.03 18.29 6.63
N VAL B 205 0.63 17.36 7.36
CA VAL B 205 0.31 17.15 8.76
C VAL B 205 1.58 17.48 9.54
N ARG B 206 1.63 18.70 10.05
CA ARG B 206 2.77 19.19 10.82
C ARG B 206 2.64 18.81 12.29
N GLY B 207 3.64 18.11 12.80
CA GLY B 207 3.62 17.71 14.19
C GLY B 207 3.84 18.94 15.05
N ARG B 208 4.55 19.90 14.48
CA ARG B 208 4.85 21.15 15.16
C ARG B 208 3.81 22.22 14.85
N GLY B 209 4.25 23.29 14.20
CA GLY B 209 3.36 24.39 13.86
C GLY B 209 2.18 24.04 12.99
N GLY B 210 1.62 25.04 12.34
CA GLY B 210 0.49 24.83 11.46
C GLY B 210 -0.88 25.15 12.01
N THR B 211 -1.80 25.45 11.11
CA THR B 211 -3.17 25.77 11.47
C THR B 211 -4.14 24.82 10.77
N GLY B 212 -5.04 24.22 11.56
CA GLY B 212 -6.02 23.29 11.01
C GLY B 212 -6.63 22.45 12.12
N VAL B 213 -6.82 21.15 11.87
CA VAL B 213 -7.40 20.27 12.88
C VAL B 213 -6.31 19.51 13.63
N ARG B 214 -6.24 19.71 14.94
CA ARG B 214 -5.23 19.04 15.76
C ARG B 214 -5.60 17.59 16.00
N LEU B 215 -4.61 16.72 15.83
CA LEU B 215 -4.74 15.28 16.05
C LEU B 215 -5.77 14.90 17.12
N GLU B 216 -5.31 14.24 18.18
CA GLU B 216 -6.14 13.86 19.33
C GLU B 216 -7.12 12.67 19.26
N ARG B 217 -6.60 11.48 18.99
CA ARG B 217 -7.39 10.22 18.94
C ARG B 217 -7.97 9.76 17.60
N ASN B 218 -7.25 8.85 16.95
CA ASN B 218 -7.70 8.30 15.68
C ASN B 218 -7.84 6.79 15.87
N GLY B 219 -8.96 6.23 15.43
CA GLY B 219 -9.16 4.80 15.57
C GLY B 219 -9.66 4.16 14.29
N SER B 220 -9.80 2.84 14.29
CA SER B 220 -10.28 2.14 13.11
C SER B 220 -11.26 1.04 13.45
N TYR B 221 -12.14 0.73 12.50
CA TYR B 221 -13.15 -0.31 12.70
C TYR B 221 -13.42 -1.07 11.40
N LEU B 222 -13.67 -2.37 11.54
CA LEU B 222 -13.94 -3.23 10.39
C LEU B 222 -15.25 -3.96 10.55
N ILE B 223 -16.26 -3.59 9.74
CA ILE B 223 -17.56 -4.26 9.82
C ILE B 223 -17.36 -5.72 9.41
N PRO B 224 -17.70 -6.65 10.31
CA PRO B 224 -17.58 -8.10 10.11
C PRO B 224 -18.29 -8.67 8.90
N LYS B 225 -17.63 -9.63 8.26
CA LYS B 225 -18.17 -10.33 7.10
C LYS B 225 -18.74 -9.46 5.99
N THR B 226 -17.96 -8.49 5.53
CA THR B 226 -18.38 -7.59 4.47
C THR B 226 -17.21 -7.38 3.49
N GLU B 227 -16.30 -8.35 3.44
CA GLU B 227 -15.12 -8.28 2.56
C GLU B 227 -15.41 -8.07 1.07
N ASP B 228 -16.40 -8.77 0.52
CA ASP B 228 -16.71 -8.62 -0.90
C ASP B 228 -17.79 -7.58 -1.23
N TRP B 229 -18.15 -6.77 -0.25
CA TRP B 229 -19.18 -5.73 -0.40
C TRP B 229 -18.70 -4.49 -1.15
N ILE B 230 -17.42 -4.16 -1.02
CA ILE B 230 -16.83 -3.02 -1.69
C ILE B 230 -15.46 -3.55 -2.11
N MET B 231 -15.38 -4.00 -3.35
CA MET B 231 -14.16 -4.62 -3.83
C MET B 231 -13.91 -4.45 -5.33
N TYR B 232 -12.80 -5.02 -5.75
CA TYR B 232 -12.40 -5.00 -7.14
C TYR B 232 -12.35 -6.41 -7.72
N ASP B 233 -12.77 -6.54 -8.97
CA ASP B 233 -12.61 -7.81 -9.69
C ASP B 233 -11.39 -7.40 -10.55
N VAL B 234 -10.32 -8.20 -10.52
CA VAL B 234 -9.11 -7.90 -11.29
C VAL B 234 -9.01 -8.75 -12.56
N LYS B 235 -9.16 -8.10 -13.71
CA LYS B 235 -9.15 -8.81 -14.99
C LYS B 235 -8.14 -8.26 -15.99
N ALA B 236 -8.07 -8.88 -17.16
CA ALA B 236 -7.18 -8.44 -18.22
C ALA B 236 -7.51 -7.02 -18.67
N THR B 237 -8.71 -6.56 -18.32
CA THR B 237 -9.12 -5.21 -18.67
C THR B 237 -8.85 -4.23 -17.53
N GLY B 238 -8.40 -4.73 -16.39
CA GLY B 238 -8.10 -3.83 -15.29
C GLY B 238 -8.96 -4.07 -14.06
N PHE B 239 -9.40 -2.99 -13.44
CA PHE B 239 -10.20 -3.15 -12.23
C PHE B 239 -11.69 -2.89 -12.44
N HIS B 240 -12.50 -3.90 -12.15
CA HIS B 240 -13.94 -3.83 -12.27
C HIS B 240 -14.48 -3.66 -10.84
N PHE B 241 -15.07 -2.50 -10.59
CA PHE B 241 -15.58 -2.14 -9.28
C PHE B 241 -16.91 -2.81 -8.93
N LEU B 242 -16.93 -3.46 -7.77
CA LEU B 242 -18.10 -4.17 -7.27
C LEU B 242 -18.63 -3.55 -5.99
N LEU B 243 -19.85 -3.03 -6.04
CA LEU B 243 -20.47 -2.46 -4.86
C LEU B 243 -21.75 -3.24 -4.61
N ASP B 244 -21.87 -3.81 -3.41
CA ASP B 244 -23.06 -4.60 -3.04
C ASP B 244 -24.23 -3.66 -2.72
N LYS B 245 -25.44 -4.06 -3.13
CA LYS B 245 -26.63 -3.24 -2.88
C LYS B 245 -26.86 -2.97 -1.39
N ARG B 246 -26.31 -3.82 -0.53
CA ARG B 246 -26.49 -3.67 0.90
C ARG B 246 -25.54 -2.70 1.60
N VAL B 247 -24.70 -1.99 0.86
CA VAL B 247 -23.76 -1.09 1.53
C VAL B 247 -24.38 0.08 2.29
N PRO B 248 -25.32 0.82 1.68
CA PRO B 248 -25.88 1.93 2.45
C PRO B 248 -26.41 1.49 3.82
N ALA B 249 -27.05 0.33 3.86
CA ALA B 249 -27.60 -0.19 5.10
C ALA B 249 -26.54 -0.43 6.17
N THR B 250 -25.30 -0.64 5.72
CA THR B 250 -24.18 -0.89 6.63
C THR B 250 -23.97 0.30 7.56
N MET B 251 -24.64 1.40 7.25
CA MET B 251 -24.55 2.60 8.05
C MET B 251 -25.16 2.36 9.42
N GLU B 252 -26.05 1.38 9.50
CA GLU B 252 -26.69 1.03 10.76
C GLU B 252 -25.64 0.47 11.70
N PRO B 253 -24.92 -0.60 11.29
CA PRO B 253 -23.90 -1.19 12.15
C PRO B 253 -22.65 -0.32 12.35
N LEU B 254 -22.46 0.67 11.49
CA LEU B 254 -21.28 1.52 11.59
C LEU B 254 -21.43 2.75 12.48
N ALA B 255 -22.64 3.30 12.56
CA ALA B 255 -22.87 4.46 13.40
C ALA B 255 -22.37 4.21 14.83
N PRO B 256 -22.79 3.09 15.44
CA PRO B 256 -22.34 2.79 16.81
C PRO B 256 -20.82 2.68 16.90
N ALA B 257 -20.18 2.40 15.78
CA ALA B 257 -18.72 2.27 15.74
C ALA B 257 -18.08 3.64 15.90
N LEU B 258 -18.80 4.68 15.52
CA LEU B 258 -18.31 6.05 15.63
C LEU B 258 -18.47 6.55 17.06
N LYS B 259 -19.66 6.34 17.63
CA LYS B 259 -19.95 6.75 18.99
C LYS B 259 -19.00 6.03 19.92
N GLU B 260 -18.89 4.73 19.71
CA GLU B 260 -18.04 3.84 20.49
C GLU B 260 -16.62 4.38 20.66
N LEU B 261 -16.09 5.02 19.62
CA LEU B 261 -14.73 5.58 19.67
C LEU B 261 -14.74 7.04 20.06
N ALA B 262 -15.88 7.69 19.91
CA ALA B 262 -16.00 9.10 20.26
C ALA B 262 -15.95 9.26 21.78
N GLY B 263 -16.70 8.43 22.49
CA GLY B 263 -16.70 8.49 23.95
C GLY B 263 -15.33 8.25 24.54
N GLU B 264 -14.59 7.31 23.96
CA GLU B 264 -13.25 7.00 24.42
C GLU B 264 -12.38 8.24 24.47
N HIS B 265 -12.91 9.35 23.97
CA HIS B 265 -12.19 10.62 23.96
C HIS B 265 -13.03 11.67 24.67
N GLY B 266 -14.08 11.20 25.32
CA GLY B 266 -14.97 12.09 26.05
C GLY B 266 -15.93 12.89 25.19
N TRP B 267 -15.84 12.76 23.87
CA TRP B 267 -16.73 13.54 23.01
C TRP B 267 -17.81 12.81 22.25
N ASP B 268 -18.19 11.60 22.61
CA ASP B 268 -19.23 11.01 21.78
C ASP B 268 -20.55 11.75 21.83
N ALA B 269 -21.49 11.19 22.59
CA ALA B 269 -22.84 11.73 22.75
C ALA B 269 -23.56 11.73 21.41
N SER B 270 -22.78 11.85 20.33
CA SER B 270 -23.26 11.90 18.97
C SER B 270 -23.79 13.31 18.73
N ASP B 271 -22.88 14.28 18.80
CA ASP B 271 -23.20 15.69 18.60
C ASP B 271 -21.91 16.47 18.69
N LEU B 272 -21.13 16.43 17.60
CA LEU B 272 -19.86 17.15 17.55
C LEU B 272 -20.08 18.52 16.94
N ASP B 273 -19.02 19.30 16.85
CA ASP B 273 -19.13 20.64 16.30
C ASP B 273 -18.48 20.76 14.94
N PHE B 274 -18.10 19.63 14.33
CA PHE B 274 -17.43 19.70 13.05
C PHE B 274 -17.31 18.33 12.39
N TYR B 275 -18.24 18.06 11.46
CA TYR B 275 -18.32 16.79 10.74
C TYR B 275 -17.77 16.76 9.31
N ILE B 276 -16.85 15.83 9.06
CA ILE B 276 -16.25 15.65 7.74
C ILE B 276 -16.10 14.16 7.42
N VAL B 277 -17.19 13.52 7.01
CA VAL B 277 -17.17 12.10 6.70
C VAL B 277 -17.47 11.79 5.24
N HIS B 278 -16.81 10.76 4.71
CA HIS B 278 -17.02 10.34 3.34
C HIS B 278 -17.56 8.93 3.27
N ALA B 279 -18.83 8.80 2.92
CA ALA B 279 -19.46 7.49 2.81
C ALA B 279 -19.42 6.97 1.37
N GLY B 280 -20.05 7.69 0.45
CA GLY B 280 -20.04 7.26 -0.94
C GLY B 280 -21.37 7.43 -1.65
N GLY B 281 -21.93 8.63 -1.58
CA GLY B 281 -23.20 8.90 -2.23
C GLY B 281 -24.18 9.40 -1.19
N PRO B 282 -24.99 10.42 -1.52
CA PRO B 282 -25.97 10.95 -0.55
C PRO B 282 -26.78 9.84 0.08
N ARG B 283 -26.87 8.71 -0.63
CA ARG B 283 -27.61 7.57 -0.14
C ARG B 283 -27.04 7.21 1.23
N ILE B 284 -25.85 6.63 1.22
CA ILE B 284 -25.15 6.21 2.43
C ILE B 284 -25.03 7.34 3.45
N LEU B 285 -24.79 8.55 2.97
CA LEU B 285 -24.63 9.71 3.83
C LEU B 285 -25.87 9.98 4.69
N ASP B 286 -27.05 9.89 4.09
CA ASP B 286 -28.30 10.13 4.83
C ASP B 286 -28.53 9.08 5.90
N ASP B 287 -28.36 7.81 5.56
CA ASP B 287 -28.55 6.73 6.52
C ASP B 287 -27.68 7.00 7.74
N LEU B 288 -26.53 7.64 7.49
CA LEU B 288 -25.60 7.96 8.57
C LEU B 288 -26.12 9.13 9.39
N SER B 289 -26.77 10.09 8.73
CA SER B 289 -27.31 11.25 9.42
C SER B 289 -28.61 10.92 10.14
N THR B 290 -28.88 9.65 10.32
CA THR B 290 -30.08 9.24 11.03
C THR B 290 -29.69 8.25 12.10
N PHE B 291 -28.89 7.26 11.71
CA PHE B 291 -28.46 6.28 12.69
C PHE B 291 -27.47 6.91 13.65
N LEU B 292 -26.81 7.97 13.22
CA LEU B 292 -25.89 8.67 14.10
C LEU B 292 -26.77 9.69 14.78
N GLU B 293 -28.02 9.77 14.30
CA GLU B 293 -29.05 10.66 14.82
C GLU B 293 -28.87 12.16 14.65
N VAL B 294 -27.96 12.60 13.78
CA VAL B 294 -27.77 14.04 13.61
C VAL B 294 -28.39 14.59 12.33
N ASP B 295 -28.48 15.91 12.23
CA ASP B 295 -29.05 16.54 11.05
C ASP B 295 -28.13 16.29 9.87
N PRO B 296 -28.70 16.02 8.69
CA PRO B 296 -27.81 15.78 7.54
C PRO B 296 -26.96 16.98 7.17
N HIS B 297 -27.34 18.15 7.66
CA HIS B 297 -26.61 19.38 7.35
C HIS B 297 -25.18 19.40 7.92
N ALA B 298 -24.89 18.51 8.85
CA ALA B 298 -23.55 18.45 9.42
C ALA B 298 -22.60 17.90 8.36
N PHE B 299 -23.14 17.15 7.41
CA PHE B 299 -22.35 16.55 6.35
C PHE B 299 -22.35 17.40 5.10
N ARG B 300 -22.81 18.64 5.22
CA ARG B 300 -22.87 19.54 4.08
C ARG B 300 -21.55 19.67 3.33
N PHE B 301 -20.44 19.58 4.04
CA PHE B 301 -19.14 19.68 3.38
C PHE B 301 -18.85 18.49 2.50
N SER B 302 -19.22 17.30 2.95
CA SER B 302 -19.02 16.08 2.18
C SER B 302 -19.91 16.18 0.96
N ARG B 303 -21.20 16.41 1.22
CA ARG B 303 -22.22 16.52 0.20
C ARG B 303 -21.87 17.49 -0.92
N ALA B 304 -21.20 18.58 -0.57
CA ALA B 304 -20.81 19.56 -1.57
C ALA B 304 -19.80 18.94 -2.53
N THR B 305 -18.86 18.17 -1.99
CA THR B 305 -17.84 17.52 -2.81
C THR B 305 -18.49 16.56 -3.80
N LEU B 306 -19.41 15.75 -3.31
CA LEU B 306 -20.10 14.77 -4.13
C LEU B 306 -20.96 15.45 -5.19
N THR B 307 -21.59 16.55 -4.82
CA THR B 307 -22.44 17.30 -5.74
C THR B 307 -21.64 17.97 -6.84
N GLU B 308 -20.47 18.48 -6.48
CA GLU B 308 -19.64 19.17 -7.45
C GLU B 308 -18.57 18.30 -8.11
N TYR B 309 -18.02 17.34 -7.37
CA TYR B 309 -16.96 16.49 -7.91
C TYR B 309 -17.36 15.03 -8.08
N GLY B 310 -18.44 14.62 -7.42
CA GLY B 310 -18.85 13.23 -7.48
C GLY B 310 -18.03 12.49 -6.46
N ASN B 311 -17.91 11.18 -6.60
CA ASN B 311 -17.13 10.40 -5.65
C ASN B 311 -15.69 10.28 -6.12
N ILE B 312 -14.83 11.13 -5.58
CA ILE B 312 -13.43 11.12 -5.94
C ILE B 312 -12.63 10.24 -5.00
N ALA B 313 -13.25 9.12 -4.60
CA ALA B 313 -12.66 8.12 -3.73
C ALA B 313 -11.97 8.69 -2.50
N SER B 314 -10.72 8.30 -2.28
CA SER B 314 -9.95 8.72 -1.09
C SER B 314 -9.76 10.23 -0.93
N ALA B 315 -9.91 10.98 -2.01
CA ALA B 315 -9.74 12.41 -1.95
C ALA B 315 -10.93 13.15 -1.34
N VAL B 316 -12.06 12.47 -1.20
CA VAL B 316 -13.26 13.10 -0.65
C VAL B 316 -13.12 13.77 0.72
N VAL B 317 -12.58 13.07 1.71
CA VAL B 317 -12.45 13.67 3.04
C VAL B 317 -11.61 14.93 3.00
N LEU B 318 -10.53 14.90 2.23
CA LEU B 318 -9.65 16.05 2.13
C LEU B 318 -10.34 17.26 1.49
N ASP B 319 -11.01 17.04 0.36
CA ASP B 319 -11.70 18.12 -0.32
C ASP B 319 -12.85 18.61 0.56
N ALA B 320 -13.35 17.73 1.42
CA ALA B 320 -14.42 18.08 2.34
C ALA B 320 -13.83 19.05 3.35
N LEU B 321 -12.64 18.71 3.85
CA LEU B 321 -11.97 19.58 4.81
C LEU B 321 -11.66 20.90 4.12
N ARG B 322 -11.19 20.82 2.88
CA ARG B 322 -10.88 22.02 2.13
C ARG B 322 -12.10 22.94 2.18
N ARG B 323 -13.27 22.34 2.02
CA ARG B 323 -14.53 23.08 2.05
C ARG B 323 -14.66 23.89 3.33
N LEU B 324 -14.49 23.22 4.47
CA LEU B 324 -14.59 23.86 5.77
C LEU B 324 -13.65 25.06 5.88
N PHE B 325 -12.37 24.84 5.62
CA PHE B 325 -11.38 25.91 5.67
C PHE B 325 -11.90 27.16 4.96
N ASP B 326 -12.11 27.02 3.66
CA ASP B 326 -12.59 28.10 2.81
C ASP B 326 -13.72 28.93 3.40
N GLU B 327 -14.56 28.32 4.23
CA GLU B 327 -15.67 29.04 4.82
C GLU B 327 -15.31 29.56 6.22
N GLY B 328 -14.32 28.95 6.83
CA GLY B 328 -13.90 29.36 8.16
C GLY B 328 -15.04 29.37 9.17
N GLY B 329 -15.05 30.39 10.03
CA GLY B 329 -16.08 30.49 11.06
C GLY B 329 -15.94 29.41 12.10
N VAL B 330 -14.89 28.61 11.98
CA VAL B 330 -14.65 27.52 12.91
C VAL B 330 -14.24 27.98 14.29
N GLU B 331 -14.81 27.33 15.29
CA GLU B 331 -14.54 27.66 16.69
C GLU B 331 -13.14 27.18 17.02
N GLU B 332 -12.21 28.10 17.22
CA GLU B 332 -10.86 27.70 17.55
C GLU B 332 -10.89 26.91 18.86
N GLY B 333 -11.23 25.63 18.77
CA GLY B 333 -11.30 24.80 19.97
C GLY B 333 -12.38 23.78 19.80
N ALA B 334 -13.18 23.97 18.76
CA ALA B 334 -14.30 23.11 18.44
C ALA B 334 -13.91 21.66 18.13
N ARG B 335 -14.67 20.74 18.72
CA ARG B 335 -14.45 19.32 18.55
C ARG B 335 -14.66 18.93 17.09
N GLY B 336 -14.08 17.80 16.69
CA GLY B 336 -14.23 17.37 15.32
C GLY B 336 -14.09 15.91 14.98
N LEU B 337 -14.56 15.57 13.79
CA LEU B 337 -14.53 14.21 13.30
C LEU B 337 -14.19 14.13 11.82
N LEU B 338 -13.28 13.21 11.49
CA LEU B 338 -12.86 12.97 10.11
C LEU B 338 -12.96 11.48 9.92
N ALA B 339 -13.67 11.06 8.87
CA ALA B 339 -13.82 9.62 8.63
C ALA B 339 -14.03 9.24 7.17
N GLY B 340 -13.46 8.10 6.80
CA GLY B 340 -13.58 7.58 5.45
C GLY B 340 -14.08 6.14 5.50
N PHE B 341 -14.90 5.75 4.54
CA PHE B 341 -15.46 4.40 4.50
C PHE B 341 -15.19 3.73 3.14
N GLY B 342 -14.72 2.48 3.17
CA GLY B 342 -14.43 1.79 1.93
C GLY B 342 -14.26 0.28 2.03
N PRO B 343 -13.63 -0.35 1.03
CA PRO B 343 -13.41 -1.80 1.01
C PRO B 343 -12.97 -2.37 2.36
N GLY B 344 -13.67 -3.41 2.81
CA GLY B 344 -13.36 -4.01 4.08
C GLY B 344 -14.53 -4.81 4.61
N ILE B 345 -15.65 -4.16 4.94
CA ILE B 345 -15.82 -2.72 4.83
C ILE B 345 -15.03 -2.05 5.94
N THR B 346 -14.17 -1.11 5.58
CA THR B 346 -13.35 -0.42 6.57
C THR B 346 -13.79 1.00 6.90
N ALA B 347 -13.39 1.47 8.08
CA ALA B 347 -13.73 2.81 8.53
C ALA B 347 -12.55 3.42 9.28
N GLU B 348 -11.86 4.37 8.66
CA GLU B 348 -10.74 5.04 9.30
C GLU B 348 -11.28 6.34 9.87
N MET B 349 -11.26 6.46 11.20
CA MET B 349 -11.78 7.63 11.88
C MET B 349 -10.71 8.47 12.56
N SER B 350 -11.04 9.73 12.83
CA SER B 350 -10.10 10.63 13.48
C SER B 350 -10.82 11.77 14.22
N LEU B 351 -10.54 11.87 15.52
CA LEU B 351 -11.14 12.91 16.37
C LEU B 351 -10.13 14.02 16.61
N GLY B 352 -10.60 15.26 16.57
CA GLY B 352 -9.69 16.39 16.77
C GLY B 352 -10.37 17.75 16.88
N CYS B 353 -9.68 18.69 17.54
CA CYS B 353 -10.21 20.03 17.71
C CYS B 353 -9.54 21.01 16.76
N TRP B 354 -10.26 22.06 16.39
CA TRP B 354 -9.69 23.05 15.49
C TRP B 354 -8.54 23.76 16.19
N GLN B 355 -7.75 24.51 15.43
CA GLN B 355 -6.62 25.22 16.00
C GLN B 355 -6.01 26.24 15.05
N THR B 356 -5.43 27.29 15.62
CA THR B 356 -4.81 28.37 14.85
C THR B 356 -3.39 28.59 15.36
N ALA B 357 -2.53 29.14 14.50
CA ALA B 357 -1.15 29.42 14.88
C ALA B 357 -1.05 30.78 15.55
#